data_8U01
#
_entry.id   8U01
#
_cell.length_a   230.110
_cell.length_b   230.110
_cell.length_c   230.110
_cell.angle_alpha   90.000
_cell.angle_beta   90.000
_cell.angle_gamma   90.000
#
_symmetry.space_group_name_H-M   'P 41 3 2'
#
loop_
_entity.id
_entity.type
_entity.pdbx_description
1 polymer 'Glycosyl hydrolase family 2, sugar binding domain protein'
2 non-polymer 'CHLORIDE ION'
3 non-polymer 'SULFATE ION'
4 non-polymer 'ACETATE ION'
5 non-polymer GLYCEROL
6 non-polymer DI(HYDROXYETHYL)ETHER
7 non-polymer 1,2-ETHANEDIOL
8 non-polymer '2-(N-MORPHOLINO)-ETHANESULFONIC ACID'
9 non-polymer D-tagatose
10 water water
#
_entity_poly.entity_id   1
_entity_poly.type   'polypeptide(L)'
_entity_poly.pdbx_seq_one_letter_code
;SNAQTDKIDLAGSWTFSTDS(MSE)DWSRVIELPGS(MSE)ASNGFGEDIAVGTDWTGGIVDSSYFFKPSYAKYREAGNI
KVPFWLQPVKYYKGKAWYQKEVVIPDSWEGKDISLFLERCHWESRLYIDGKEIG(MSE)QNALGAPHRYDLTGKLSAGKH
VL(MSE)LCVDNRVKNIDPGENSHSISDHTQGNWNGVVGD(MSE)FLEVKPEVNVSSVKI(MSE)PERLAKKVSVSASL
(MSE)NRYEKDANVVLE(MSE)TVGNEKVQQQCTLKPGENQV(MSE)(MSE)SLA(MSE)KGDIKCWDEFSPSLYDLKLS
VKDADSGETDVYAERFGFRDVKVKDGKLTINDRRLFLRGTLDCAVFPKTGFPPTDVESWKKIYTTCRQHGLNHVRFHSWC
PPEAAFAAADG(MSE)G(MSE)YLEIECSSWANQSTTIGDGGDLDRFIWEESERIVREFGNHPSFC(MSE)(MSE)
(MSE)YGNEPAGEGSNAYLTNFVTTWKERDARRLYCSGAGWPNLPVNDFLSDSNPRIQAWGQGVKSIINAQAPRTDYDWS
EYIGRFQQP(MSE)VSHEIGQWCVYPNFKE(MSE)AKYDGV(MSE)RPRNFEIFQETLAENG(MSE)AHLADSFLLASGK
LQALCYKADIEAALRTKDFGGFQLLGLSDFPGQGTALVGVLDAFWEEKGYIRPEEYRRFCNSTVPLLRLPKLIYTNQETV
KGSLEVAHFGAAPLEVTSTVWTLKTKEGKTIASGTLAHQPVGIGNCIPLGQLEIPLDKVDVPSCLTLEATLGDYANSWHI
WVYPAAVQKVADEAQLL(MSE)TDRLDAKALQRLQEGGNVLLSLRKGSLPAEAGGEVVIGFSSIFWNTAWTLGQAPHTLG
ILCNPAHPALSEFPTEYYSDYQWWDA(MSE)SHSGAIEVVKIDKNLQPIVRVIDDWFTNRPLALLFEVKVGKGKLLVSGI
DFWQD(MSE)DKRTEARQLLYSLKKY(MSE)CGNRFNPSSEVDAKDLSILFSIKNQK
;
_entity_poly.pdbx_strand_id   A
#
loop_
_chem_comp.id
_chem_comp.type
_chem_comp.name
_chem_comp.formula
ACT non-polymer 'ACETATE ION' 'C2 H3 O2 -1'
CL non-polymer 'CHLORIDE ION' 'Cl -1'
EDO non-polymer 1,2-ETHANEDIOL 'C2 H6 O2'
GOL non-polymer GLYCEROL 'C3 H8 O3'
MES non-polymer '2-(N-MORPHOLINO)-ETHANESULFONIC ACID' 'C6 H13 N O4 S'
PEG non-polymer DI(HYDROXYETHYL)ETHER 'C4 H10 O3'
SO4 non-polymer 'SULFATE ION' 'O4 S -2'
TAG D-saccharide D-tagatose 'C6 H12 O6'
#
# COMPACT_ATOMS: atom_id res chain seq x y z
N SER A 1 -34.76 19.32 -18.25
CA SER A 1 -34.86 19.63 -19.67
C SER A 1 -33.61 20.37 -20.17
N ASN A 2 -32.94 21.07 -19.24
CA ASN A 2 -31.67 21.70 -19.56
C ASN A 2 -30.68 20.65 -20.07
N ALA A 3 -29.87 21.04 -21.06
CA ALA A 3 -28.94 20.12 -21.71
C ALA A 3 -27.58 20.82 -21.89
N GLN A 4 -26.57 20.01 -22.22
CA GLN A 4 -25.23 20.53 -22.47
C GLN A 4 -25.01 20.57 -23.98
N THR A 5 -25.50 21.64 -24.59
CA THR A 5 -25.51 21.78 -26.04
C THR A 5 -24.16 22.15 -26.63
N ASP A 6 -23.18 22.49 -25.80
CA ASP A 6 -21.85 22.84 -26.27
C ASP A 6 -20.90 21.65 -26.36
N LYS A 7 -21.38 20.45 -26.05
CA LYS A 7 -20.57 19.24 -26.09
C LYS A 7 -21.28 18.16 -26.89
N ILE A 8 -20.47 17.29 -27.50
CA ILE A 8 -20.95 16.08 -28.17
C ILE A 8 -20.28 14.90 -27.49
N ASP A 9 -21.05 14.14 -26.70
CA ASP A 9 -20.50 12.99 -26.01
C ASP A 9 -20.16 11.90 -27.02
N LEU A 10 -18.92 11.43 -26.99
CA LEU A 10 -18.44 10.43 -27.93
C LEU A 10 -18.46 9.03 -27.35
N ALA A 11 -18.93 8.85 -26.12
CA ALA A 11 -19.01 7.53 -25.54
C ALA A 11 -20.08 6.71 -26.25
N GLY A 12 -19.75 5.47 -26.59
CA GLY A 12 -20.68 4.58 -27.23
C GLY A 12 -19.96 3.52 -28.05
N SER A 13 -20.62 3.10 -29.12
CA SER A 13 -20.07 2.07 -29.99
C SER A 13 -19.12 2.67 -31.01
N TRP A 14 -17.91 2.15 -31.06
CA TRP A 14 -16.93 2.49 -32.07
C TRP A 14 -16.63 1.27 -32.92
N THR A 15 -16.49 1.48 -34.22
CA THR A 15 -16.05 0.42 -35.11
C THR A 15 -14.58 0.10 -34.85
N PHE A 16 -14.28 -1.17 -34.58
CA PHE A 16 -13.02 -1.58 -34.03
C PHE A 16 -12.22 -2.42 -35.02
N SER A 17 -10.90 -2.29 -34.96
CA SER A 17 -10.01 -3.06 -35.82
C SER A 17 -8.63 -3.10 -35.21
N THR A 18 -7.94 -4.24 -35.37
CA THR A 18 -6.54 -4.37 -34.97
C THR A 18 -5.59 -4.42 -36.16
N ASP A 19 -6.09 -4.19 -37.39
CA ASP A 19 -5.20 -4.13 -38.54
C ASP A 19 -5.62 -3.05 -39.53
N SER A 20 -6.64 -2.25 -39.20
CA SER A 20 -7.19 -1.18 -40.05
C SER A 20 -7.75 -1.70 -41.37
N MSE A 21 -8.11 -2.98 -41.42
CA MSE A 21 -8.71 -3.58 -42.60
C MSE A 21 -9.97 -4.37 -42.25
O MSE A 21 -10.97 -4.33 -42.97
CB MSE A 21 -7.71 -4.48 -43.32
CG MSE A 21 -6.51 -3.74 -43.87
SE MSE A 21 -5.20 -4.94 -44.71
CE MSE A 21 -4.82 -6.10 -43.19
N ASP A 22 -9.90 -5.12 -41.15
CA ASP A 22 -11.03 -5.92 -40.67
C ASP A 22 -11.81 -5.08 -39.67
N TRP A 23 -12.93 -4.51 -40.12
CA TRP A 23 -13.78 -3.68 -39.28
C TRP A 23 -15.07 -4.40 -38.91
N SER A 24 -15.00 -5.73 -38.72
CA SER A 24 -16.19 -6.52 -38.50
C SER A 24 -16.68 -6.50 -37.06
N ARG A 25 -15.92 -5.95 -36.12
CA ARG A 25 -16.34 -5.94 -34.73
C ARG A 25 -16.55 -4.52 -34.23
N VAL A 26 -17.25 -4.42 -33.10
CA VAL A 26 -17.58 -3.15 -32.47
C VAL A 26 -17.08 -3.19 -31.03
N ILE A 27 -16.49 -2.09 -30.59
CA ILE A 27 -15.99 -1.98 -29.22
C ILE A 27 -16.76 -0.88 -28.50
N GLU A 28 -16.90 -1.04 -27.20
CA GLU A 28 -17.63 -0.08 -26.37
C GLU A 28 -16.66 0.80 -25.62
N LEU A 29 -16.76 2.11 -25.82
CA LEU A 29 -15.95 3.08 -25.10
C LEU A 29 -16.84 3.96 -24.25
N PRO A 30 -16.40 4.32 -23.03
CA PRO A 30 -15.08 4.07 -22.42
C PRO A 30 -14.82 2.60 -22.10
N GLY A 31 -13.58 2.17 -22.28
CA GLY A 31 -13.21 0.80 -22.00
C GLY A 31 -11.94 0.43 -22.73
N SER A 32 -11.44 -0.75 -22.39
CA SER A 32 -10.26 -1.32 -23.03
C SER A 32 -10.67 -2.46 -23.94
N MSE A 33 -9.69 -3.04 -24.63
CA MSE A 33 -9.96 -4.22 -25.44
C MSE A 33 -10.31 -5.37 -24.50
O MSE A 33 -11.24 -6.13 -24.76
CB MSE A 33 -8.77 -4.58 -26.31
CG MSE A 33 -8.48 -3.58 -27.42
SE MSE A 33 -6.90 -4.08 -28.46
CE MSE A 33 -7.40 -5.90 -28.94
N ALA A 34 -9.56 -5.47 -23.41
CA ALA A 34 -9.79 -6.55 -22.47
C ALA A 34 -11.17 -6.45 -21.82
N SER A 35 -11.59 -5.25 -21.45
CA SER A 35 -12.91 -5.08 -20.87
C SER A 35 -14.03 -5.34 -21.88
N ASN A 36 -13.70 -5.41 -23.18
CA ASN A 36 -14.66 -5.77 -24.21
C ASN A 36 -14.48 -7.19 -24.74
N GLY A 37 -13.56 -7.97 -24.17
CA GLY A 37 -13.34 -9.33 -24.62
C GLY A 37 -12.50 -9.47 -25.87
N PHE A 38 -11.79 -8.42 -26.26
CA PHE A 38 -10.96 -8.44 -27.46
C PHE A 38 -9.49 -8.59 -27.10
N GLY A 39 -8.76 -9.30 -27.96
CA GLY A 39 -7.34 -9.53 -27.79
C GLY A 39 -7.02 -11.01 -27.93
N GLU A 40 -5.82 -11.38 -27.50
CA GLU A 40 -5.32 -12.75 -27.58
C GLU A 40 -5.43 -13.44 -26.24
N ASP A 41 -5.55 -14.76 -26.28
CA ASP A 41 -5.56 -15.56 -25.06
C ASP A 41 -4.19 -15.55 -24.39
N ILE A 42 -4.20 -15.62 -23.07
CA ILE A 42 -2.96 -15.66 -22.31
C ILE A 42 -2.27 -17.00 -22.58
N ALA A 43 -1.02 -16.94 -23.03
CA ALA A 43 -0.21 -18.11 -23.28
C ALA A 43 1.13 -17.93 -22.56
N VAL A 44 1.95 -18.99 -22.60
CA VAL A 44 3.26 -18.91 -21.95
C VAL A 44 4.10 -17.81 -22.57
N GLY A 45 4.03 -17.66 -23.89
CA GLY A 45 4.84 -16.69 -24.60
C GLY A 45 4.23 -15.30 -24.73
N THR A 46 3.23 -15.01 -23.90
CA THR A 46 2.66 -13.67 -23.87
C THR A 46 3.73 -12.64 -23.55
N ASP A 47 3.80 -11.59 -24.38
CA ASP A 47 4.78 -10.52 -24.22
C ASP A 47 4.28 -9.55 -23.15
N TRP A 48 4.57 -9.88 -21.89
CA TRP A 48 4.09 -9.08 -20.78
C TRP A 48 4.81 -7.74 -20.72
N THR A 49 4.28 -6.84 -19.90
CA THR A 49 4.87 -5.52 -19.66
C THR A 49 5.21 -5.47 -18.17
N GLY A 50 6.41 -5.88 -17.83
CA GLY A 50 6.88 -5.87 -16.46
C GLY A 50 7.84 -7.02 -16.20
N GLY A 51 8.70 -6.83 -15.21
CA GLY A 51 9.67 -7.85 -14.88
C GLY A 51 9.07 -9.01 -14.11
N ILE A 52 9.66 -10.19 -14.31
CA ILE A 52 9.28 -11.40 -13.59
C ILE A 52 10.56 -11.94 -12.94
N VAL A 53 10.70 -11.71 -11.64
CA VAL A 53 11.93 -12.06 -10.94
C VAL A 53 12.04 -13.58 -10.78
N ASP A 54 11.03 -14.19 -10.16
CA ASP A 54 10.99 -15.63 -9.95
C ASP A 54 10.34 -16.27 -11.17
N SER A 55 11.15 -16.95 -11.98
CA SER A 55 10.70 -17.55 -13.22
C SER A 55 10.39 -19.04 -13.07
N SER A 56 10.02 -19.49 -11.86
CA SER A 56 9.72 -20.90 -11.65
C SER A 56 8.58 -21.38 -12.53
N TYR A 57 7.67 -20.47 -12.89
CA TYR A 57 6.52 -20.84 -13.71
C TYR A 57 6.96 -21.41 -15.06
N PHE A 58 8.00 -20.84 -15.65
CA PHE A 58 8.42 -21.25 -16.99
C PHE A 58 9.22 -22.53 -17.01
N PHE A 59 9.85 -22.92 -15.91
CA PHE A 59 10.83 -24.00 -15.96
C PHE A 59 10.54 -25.16 -15.00
N LYS A 60 10.14 -24.88 -13.77
CA LYS A 60 9.98 -25.93 -12.79
C LYS A 60 8.83 -26.86 -13.16
N PRO A 61 8.93 -28.16 -12.86
CA PRO A 61 7.86 -29.09 -13.25
C PRO A 61 6.59 -28.92 -12.45
N SER A 62 6.63 -28.27 -11.27
CA SER A 62 5.43 -28.07 -10.49
C SER A 62 4.43 -27.14 -11.17
N TYR A 63 4.87 -26.33 -12.13
CA TYR A 63 3.99 -25.47 -12.91
C TYR A 63 3.70 -26.03 -14.30
N ALA A 64 4.07 -27.29 -14.56
CA ALA A 64 3.88 -27.85 -15.90
C ALA A 64 2.41 -27.91 -16.26
N LYS A 65 1.54 -28.25 -15.30
CA LYS A 65 0.11 -28.32 -15.59
C LYS A 65 -0.50 -26.96 -15.89
N TYR A 66 0.18 -25.88 -15.49
CA TYR A 66 -0.31 -24.52 -15.74
C TYR A 66 0.32 -23.88 -16.96
N ARG A 67 1.13 -24.63 -17.72
CA ARG A 67 1.69 -24.16 -18.98
C ARG A 67 1.01 -24.78 -20.18
N GLU A 68 0.07 -25.69 -19.98
CA GLU A 68 -0.65 -26.33 -21.07
C GLU A 68 -1.84 -25.48 -21.49
N ALA A 69 -2.14 -25.52 -22.79
CA ALA A 69 -3.25 -24.74 -23.31
C ALA A 69 -4.57 -25.23 -22.70
N GLY A 70 -5.46 -24.28 -22.43
CA GLY A 70 -6.70 -24.57 -21.74
C GLY A 70 -6.60 -24.49 -20.23
N ASN A 71 -5.40 -24.47 -19.68
CA ASN A 71 -5.21 -24.35 -18.24
C ASN A 71 -4.02 -23.44 -17.94
N ILE A 72 -3.93 -22.32 -18.65
CA ILE A 72 -2.86 -21.36 -18.43
C ILE A 72 -3.19 -20.55 -17.19
N LYS A 73 -2.41 -20.74 -16.13
CA LYS A 73 -2.56 -19.98 -14.89
C LYS A 73 -1.20 -19.41 -14.53
N VAL A 74 -1.15 -18.09 -14.37
CA VAL A 74 0.09 -17.36 -14.11
C VAL A 74 0.17 -17.03 -12.62
N PRO A 75 1.34 -17.22 -11.97
CA PRO A 75 1.42 -16.99 -10.52
C PRO A 75 1.99 -15.64 -10.12
N PHE A 76 2.51 -14.85 -11.07
CA PHE A 76 3.25 -13.65 -10.68
C PHE A 76 2.41 -12.38 -10.69
N TRP A 77 1.18 -12.40 -11.21
CA TRP A 77 0.25 -11.28 -11.07
C TRP A 77 -1.13 -11.75 -11.49
N LEU A 78 -2.12 -10.86 -11.34
CA LEU A 78 -3.46 -11.16 -11.80
C LEU A 78 -3.47 -11.32 -13.32
N GLN A 79 -4.28 -12.26 -13.80
CA GLN A 79 -4.26 -12.63 -15.20
C GLN A 79 -5.44 -11.99 -15.91
N PRO A 80 -5.22 -11.13 -16.91
CA PRO A 80 -6.34 -10.54 -17.64
C PRO A 80 -6.98 -11.56 -18.58
N VAL A 81 -8.22 -11.26 -18.98
CA VAL A 81 -8.95 -12.21 -19.83
C VAL A 81 -8.35 -12.27 -21.22
N LYS A 82 -7.85 -11.15 -21.73
CA LYS A 82 -7.19 -11.08 -23.03
C LYS A 82 -5.98 -10.18 -22.92
N TYR A 83 -5.11 -10.27 -23.92
CA TYR A 83 -3.92 -9.42 -23.95
C TYR A 83 -3.66 -8.99 -25.39
N TYR A 84 -3.26 -7.74 -25.54
CA TYR A 84 -2.88 -7.23 -26.86
C TYR A 84 -2.00 -6.01 -26.64
N LYS A 85 -0.88 -5.95 -27.35
CA LYS A 85 0.08 -4.87 -27.23
C LYS A 85 0.46 -4.46 -28.65
N GLY A 86 -0.23 -3.44 -29.18
CA GLY A 86 0.03 -3.00 -30.53
C GLY A 86 -0.88 -1.85 -30.89
N LYS A 87 -1.06 -1.66 -32.20
CA LYS A 87 -1.93 -0.61 -32.71
C LYS A 87 -3.37 -1.14 -32.83
N ALA A 88 -4.32 -0.29 -32.45
CA ALA A 88 -5.73 -0.60 -32.60
C ALA A 88 -6.45 0.65 -33.11
N TRP A 89 -7.42 0.45 -33.98
CA TRP A 89 -8.14 1.54 -34.62
C TRP A 89 -9.59 1.60 -34.14
N TYR A 90 -10.04 2.80 -33.81
CA TYR A 90 -11.40 3.05 -33.34
C TYR A 90 -12.03 4.09 -34.25
N GLN A 91 -13.26 3.84 -34.68
CA GLN A 91 -13.89 4.66 -35.71
C GLN A 91 -15.32 4.94 -35.30
N LYS A 92 -15.76 6.19 -35.48
CA LYS A 92 -17.11 6.59 -35.10
C LYS A 92 -17.53 7.81 -35.91
N GLU A 93 -18.78 7.80 -36.37
CA GLU A 93 -19.33 8.91 -37.14
C GLU A 93 -19.96 9.94 -36.22
N VAL A 94 -19.77 11.22 -36.54
CA VAL A 94 -20.33 12.32 -35.76
C VAL A 94 -21.05 13.28 -36.71
N VAL A 95 -21.96 14.06 -36.14
CA VAL A 95 -22.72 15.06 -36.89
C VAL A 95 -22.46 16.41 -36.26
N ILE A 96 -21.72 17.27 -36.98
CA ILE A 96 -21.33 18.58 -36.48
C ILE A 96 -22.41 19.58 -36.89
N PRO A 97 -23.04 20.28 -35.94
CA PRO A 97 -24.08 21.25 -36.30
C PRO A 97 -23.50 22.43 -37.05
N ASP A 98 -24.38 23.10 -37.80
CA ASP A 98 -23.95 24.29 -38.54
C ASP A 98 -23.42 25.37 -37.61
N SER A 99 -23.98 25.49 -36.40
CA SER A 99 -23.56 26.52 -35.46
C SER A 99 -22.12 26.33 -34.98
N TRP A 100 -21.51 25.18 -35.25
CA TRP A 100 -20.11 24.95 -34.89
C TRP A 100 -19.15 25.45 -35.95
N GLU A 101 -19.64 25.86 -37.11
CA GLU A 101 -18.76 26.24 -38.21
C GLU A 101 -17.95 27.47 -37.84
N GLY A 102 -16.63 27.36 -37.97
CA GLY A 102 -15.74 28.47 -37.69
C GLY A 102 -15.53 28.78 -36.22
N LYS A 103 -16.06 27.97 -35.33
CA LYS A 103 -15.91 28.18 -33.90
C LYS A 103 -14.68 27.44 -33.37
N ASP A 104 -14.41 27.64 -32.09
CA ASP A 104 -13.34 26.90 -31.41
C ASP A 104 -13.84 25.50 -31.10
N ILE A 105 -13.15 24.49 -31.64
CA ILE A 105 -13.54 23.10 -31.46
C ILE A 105 -12.34 22.33 -30.92
N SER A 106 -12.60 21.43 -29.99
CA SER A 106 -11.54 20.62 -29.41
C SER A 106 -12.08 19.24 -29.07
N LEU A 107 -11.19 18.26 -29.07
CA LEU A 107 -11.50 16.90 -28.66
C LEU A 107 -10.82 16.62 -27.32
N PHE A 108 -11.56 15.94 -26.43
CA PHE A 108 -11.10 15.61 -25.09
C PHE A 108 -11.20 14.11 -24.89
N LEU A 109 -10.09 13.46 -24.55
CA LEU A 109 -10.06 12.06 -24.17
C LEU A 109 -9.38 11.96 -22.82
N GLU A 110 -10.11 11.46 -21.81
CA GLU A 110 -9.62 11.59 -20.44
C GLU A 110 -8.40 10.70 -20.20
N ARG A 111 -8.44 9.44 -20.65
CA ARG A 111 -7.34 8.50 -20.44
C ARG A 111 -7.16 7.61 -21.66
N CYS A 112 -6.01 7.71 -22.31
CA CYS A 112 -5.63 6.74 -23.33
C CYS A 112 -4.44 5.92 -22.87
N HIS A 113 -4.27 4.78 -23.51
CA HIS A 113 -3.17 3.87 -23.17
C HIS A 113 -2.69 3.27 -24.48
N TRP A 114 -1.62 3.82 -25.05
CA TRP A 114 -0.81 4.94 -24.57
C TRP A 114 -0.85 6.09 -25.58
N GLU A 115 -0.21 5.89 -26.73
CA GLU A 115 -0.18 6.91 -27.77
C GLU A 115 -1.45 6.86 -28.61
N SER A 116 -2.02 8.03 -28.91
CA SER A 116 -3.18 8.14 -29.76
C SER A 116 -2.92 9.11 -30.90
N ARG A 117 -3.44 8.78 -32.09
CA ARG A 117 -3.41 9.66 -33.25
C ARG A 117 -4.83 9.83 -33.75
N LEU A 118 -5.22 11.07 -34.04
CA LEU A 118 -6.58 11.39 -34.45
C LEU A 118 -6.63 11.61 -35.96
N TYR A 119 -7.67 11.09 -36.58
CA TYR A 119 -7.93 11.28 -38.01
C TYR A 119 -9.33 11.80 -38.20
N ILE A 120 -9.49 12.79 -39.06
CA ILE A 120 -10.80 13.31 -39.42
C ILE A 120 -11.00 13.02 -40.89
N ASP A 121 -11.88 12.05 -41.19
CA ASP A 121 -12.17 11.65 -42.57
C ASP A 121 -10.90 11.17 -43.28
N GLY A 122 -10.03 10.48 -42.53
CA GLY A 122 -8.82 9.93 -43.10
C GLY A 122 -7.60 10.82 -43.04
N LYS A 123 -7.76 12.10 -42.72
CA LYS A 123 -6.64 13.04 -42.63
C LYS A 123 -6.11 13.06 -41.21
N GLU A 124 -4.81 12.80 -41.05
CA GLU A 124 -4.21 12.80 -39.72
C GLU A 124 -4.14 14.22 -39.16
N ILE A 125 -4.52 14.36 -37.90
CA ILE A 125 -4.58 15.66 -37.24
C ILE A 125 -3.39 15.88 -36.32
N GLY A 126 -3.04 14.88 -35.52
CA GLY A 126 -1.95 15.03 -34.59
C GLY A 126 -1.84 13.82 -33.69
N MSE A 127 -0.99 13.96 -32.66
CA MSE A 127 -0.67 12.85 -31.78
C MSE A 127 -0.62 13.29 -30.31
O MSE A 127 -0.25 14.42 -30.01
CB MSE A 127 0.67 12.23 -32.21
CG MSE A 127 1.11 11.02 -31.41
SE MSE A 127 2.22 11.50 -29.87
CE MSE A 127 3.79 12.19 -30.81
N GLN A 128 -1.03 12.39 -29.42
CA GLN A 128 -0.95 12.61 -27.98
C GLN A 128 -0.38 11.36 -27.31
N ASN A 129 0.40 11.55 -26.25
CA ASN A 129 1.07 10.42 -25.62
C ASN A 129 1.18 10.59 -24.11
N ALA A 130 0.20 11.23 -23.49
CA ALA A 130 0.18 11.37 -22.03
C ALA A 130 -0.28 10.07 -21.39
N LEU A 131 0.35 9.72 -20.28
CA LEU A 131 -0.04 8.54 -19.51
C LEU A 131 -0.97 8.88 -18.36
N GLY A 132 -0.64 9.90 -17.57
CA GLY A 132 -1.45 10.28 -16.43
C GLY A 132 -2.20 11.59 -16.59
N ALA A 133 -2.55 11.93 -17.83
CA ALA A 133 -3.25 13.17 -18.13
C ALA A 133 -4.09 12.95 -19.38
N PRO A 134 -5.07 13.83 -19.63
CA PRO A 134 -5.92 13.65 -20.81
C PRO A 134 -5.17 13.87 -22.12
N HIS A 135 -5.82 13.44 -23.19
CA HIS A 135 -5.38 13.70 -24.57
C HIS A 135 -6.28 14.76 -25.17
N ARG A 136 -5.69 15.84 -25.69
CA ARG A 136 -6.44 16.96 -26.23
C ARG A 136 -6.02 17.23 -27.67
N TYR A 137 -6.99 17.54 -28.51
CA TYR A 137 -6.74 17.90 -29.90
C TYR A 137 -7.50 19.17 -30.23
N ASP A 138 -6.81 20.14 -30.83
CA ASP A 138 -7.43 21.38 -31.29
C ASP A 138 -7.96 21.15 -32.70
N LEU A 139 -9.28 21.17 -32.85
CA LEU A 139 -9.91 20.93 -34.15
C LEU A 139 -10.39 22.21 -34.82
N THR A 140 -10.02 23.37 -34.28
CA THR A 140 -10.47 24.63 -34.86
C THR A 140 -10.00 24.75 -36.31
N GLY A 141 -10.96 25.00 -37.20
CA GLY A 141 -10.67 25.08 -38.62
C GLY A 141 -10.42 23.76 -39.30
N LYS A 142 -10.41 22.65 -38.56
CA LYS A 142 -10.13 21.34 -39.11
C LYS A 142 -11.35 20.43 -39.16
N LEU A 143 -12.49 20.88 -38.62
CA LEU A 143 -13.71 20.07 -38.55
C LEU A 143 -14.87 20.96 -38.94
N SER A 144 -15.39 20.77 -40.16
CA SER A 144 -16.48 21.58 -40.66
C SER A 144 -17.82 20.99 -40.22
N ALA A 145 -18.91 21.68 -40.58
CA ALA A 145 -20.23 21.20 -40.25
C ALA A 145 -20.63 20.05 -41.17
N GLY A 146 -21.44 19.15 -40.64
CA GLY A 146 -21.94 18.00 -41.39
C GLY A 146 -21.48 16.70 -40.78
N LYS A 147 -21.68 15.61 -41.53
CA LYS A 147 -21.25 14.30 -41.10
C LYS A 147 -19.75 14.15 -41.29
N HIS A 148 -19.07 13.63 -40.27
CA HIS A 148 -17.65 13.34 -40.35
C HIS A 148 -17.36 12.05 -39.60
N VAL A 149 -16.21 11.46 -39.92
CA VAL A 149 -15.79 10.20 -39.34
C VAL A 149 -14.52 10.46 -38.53
N LEU A 150 -14.63 10.38 -37.21
CA LEU A 150 -13.48 10.45 -36.34
C LEU A 150 -12.83 9.08 -36.23
N MSE A 151 -11.50 9.05 -36.35
CA MSE A 151 -10.77 7.81 -36.14
C MSE A 151 -9.61 8.00 -35.18
O MSE A 151 -8.86 8.97 -35.29
CB MSE A 151 -10.26 7.27 -37.47
CG MSE A 151 -9.72 5.86 -37.38
SE MSE A 151 -9.02 5.21 -39.06
CE MSE A 151 -10.63 5.42 -40.14
N LEU A 152 -9.46 7.07 -34.24
CA LEU A 152 -8.35 7.07 -33.30
C LEU A 152 -7.49 5.83 -33.56
N CYS A 153 -6.17 6.02 -33.48
CA CYS A 153 -5.21 4.92 -33.53
C CYS A 153 -4.47 4.92 -32.20
N VAL A 154 -4.84 3.98 -31.32
CA VAL A 154 -4.26 3.89 -29.99
C VAL A 154 -3.21 2.78 -30.00
N ASP A 155 -2.00 3.12 -29.57
CA ASP A 155 -0.86 2.20 -29.54
C ASP A 155 -0.37 2.12 -28.09
N ASN A 156 -0.45 0.93 -27.50
CA ASN A 156 -0.02 0.73 -26.13
C ASN A 156 1.33 0.05 -26.01
N ARG A 157 2.10 -0.01 -27.10
CA ARG A 157 3.43 -0.59 -27.03
C ARG A 157 4.41 0.42 -26.43
N VAL A 158 5.53 -0.11 -25.94
CA VAL A 158 6.64 0.75 -25.50
C VAL A 158 7.59 0.95 -26.68
N LYS A 159 7.75 2.19 -27.10
CA LYS A 159 8.56 2.47 -28.29
C LYS A 159 9.79 3.31 -27.96
N ASN A 160 9.75 4.60 -28.30
CA ASN A 160 10.89 5.47 -28.02
C ASN A 160 11.02 5.73 -26.52
N ILE A 161 9.91 5.82 -25.81
CA ILE A 161 9.89 6.18 -24.41
C ILE A 161 9.57 4.92 -23.60
N ASP A 162 10.55 4.44 -22.85
CA ASP A 162 10.33 3.41 -21.85
C ASP A 162 10.34 4.08 -20.49
N PRO A 163 9.20 4.22 -19.81
CA PRO A 163 9.20 4.82 -18.48
C PRO A 163 9.68 3.89 -17.38
N GLY A 164 9.96 2.63 -17.72
CA GLY A 164 10.26 1.62 -16.73
C GLY A 164 9.25 0.49 -16.81
N GLU A 165 9.72 -0.73 -17.10
CA GLU A 165 8.81 -1.85 -17.34
C GLU A 165 7.88 -2.11 -16.16
N ASN A 166 8.27 -1.69 -14.96
CA ASN A 166 7.51 -1.93 -13.75
C ASN A 166 6.70 -0.72 -13.31
N SER A 167 6.71 0.36 -14.11
CA SER A 167 5.95 1.54 -13.77
C SER A 167 4.46 1.22 -13.74
N HIS A 168 3.79 1.61 -12.65
CA HIS A 168 2.37 1.30 -12.50
C HIS A 168 1.50 2.03 -13.52
N SER A 169 2.07 2.94 -14.30
CA SER A 169 1.33 3.58 -15.37
C SER A 169 1.14 2.68 -16.58
N ILE A 170 1.93 1.61 -16.71
CA ILE A 170 1.86 0.73 -17.88
C ILE A 170 1.98 -0.74 -17.51
N SER A 171 2.52 -1.02 -16.32
CA SER A 171 2.98 -2.38 -16.01
C SER A 171 1.83 -3.33 -15.69
N ASP A 172 2.03 -4.59 -16.05
CA ASP A 172 1.06 -5.64 -15.73
C ASP A 172 1.10 -6.07 -14.27
N HIS A 173 1.96 -5.48 -13.44
CA HIS A 173 1.91 -5.76 -12.02
C HIS A 173 0.58 -5.34 -11.42
N THR A 174 0.05 -4.20 -11.89
CA THR A 174 -1.16 -3.64 -11.30
C THR A 174 -2.19 -3.27 -12.36
N GLN A 175 -1.99 -2.11 -13.01
CA GLN A 175 -2.99 -1.59 -13.94
C GLN A 175 -3.10 -2.44 -15.20
N GLY A 176 -2.00 -3.05 -15.64
CA GLY A 176 -2.02 -3.82 -16.86
C GLY A 176 -1.89 -2.96 -18.09
N ASN A 177 -1.19 -3.45 -19.12
CA ASN A 177 -0.97 -2.68 -20.33
C ASN A 177 -2.20 -2.81 -21.23
N TRP A 178 -3.24 -2.06 -20.88
CA TRP A 178 -4.46 -2.09 -21.66
C TRP A 178 -4.34 -1.18 -22.88
N ASN A 179 -5.34 -1.27 -23.75
CA ASN A 179 -5.41 -0.48 -24.97
C ASN A 179 -6.84 0.02 -25.10
N GLY A 180 -7.01 1.33 -25.18
CA GLY A 180 -8.33 1.90 -25.33
C GLY A 180 -8.39 3.32 -24.83
N VAL A 181 -9.62 3.81 -24.70
CA VAL A 181 -9.90 5.15 -24.18
C VAL A 181 -10.86 5.01 -23.02
N VAL A 182 -10.60 5.77 -21.95
CA VAL A 182 -11.32 5.62 -20.69
C VAL A 182 -11.62 7.00 -20.15
N GLY A 183 -12.79 7.16 -19.53
CA GLY A 183 -13.18 8.42 -18.93
C GLY A 183 -14.12 9.22 -19.82
N ASP A 184 -14.12 10.53 -19.61
CA ASP A 184 -14.96 11.41 -20.42
C ASP A 184 -14.36 11.52 -21.82
N MSE A 185 -15.23 11.42 -22.83
CA MSE A 185 -14.82 11.58 -24.22
C MSE A 185 -15.82 12.46 -24.94
O MSE A 185 -16.98 12.07 -25.12
CB MSE A 185 -14.74 10.23 -24.93
CG MSE A 185 -14.05 9.15 -24.15
SE MSE A 185 -14.57 7.38 -24.82
CE MSE A 185 -13.96 7.59 -26.66
N PHE A 186 -15.40 13.64 -25.37
CA PHE A 186 -16.37 14.54 -25.98
C PHE A 186 -15.69 15.52 -26.92
N LEU A 187 -16.49 16.00 -27.87
CA LEU A 187 -16.16 17.19 -28.65
C LEU A 187 -16.76 18.40 -27.95
N GLU A 188 -16.00 19.49 -27.90
CA GLU A 188 -16.45 20.69 -27.22
C GLU A 188 -16.31 21.89 -28.14
N VAL A 189 -17.33 22.77 -28.13
CA VAL A 189 -17.34 23.98 -28.93
C VAL A 189 -17.31 25.18 -27.99
N LYS A 190 -16.58 26.22 -28.39
CA LYS A 190 -16.41 27.43 -27.62
C LYS A 190 -16.45 28.63 -28.55
N PRO A 191 -16.81 29.81 -28.04
CA PRO A 191 -16.76 31.02 -28.88
C PRO A 191 -15.33 31.32 -29.31
N GLU A 192 -15.22 32.24 -30.26
CA GLU A 192 -13.92 32.59 -30.81
C GLU A 192 -13.02 33.31 -29.81
N VAL A 193 -13.57 33.79 -28.69
CA VAL A 193 -12.78 34.26 -27.57
C VAL A 193 -13.22 33.45 -26.36
N ASN A 194 -12.29 32.67 -25.80
CA ASN A 194 -12.65 31.71 -24.75
C ASN A 194 -11.48 31.56 -23.78
N VAL A 195 -11.73 30.78 -22.73
CA VAL A 195 -10.73 30.48 -21.71
C VAL A 195 -10.17 29.10 -21.98
N SER A 196 -8.85 29.01 -22.21
CA SER A 196 -8.22 27.72 -22.44
C SER A 196 -7.89 27.01 -21.12
N SER A 197 -7.21 27.69 -20.21
CA SER A 197 -6.85 27.12 -18.93
C SER A 197 -6.66 28.24 -17.92
N VAL A 198 -6.73 27.87 -16.64
CA VAL A 198 -6.57 28.81 -15.55
C VAL A 198 -5.62 28.22 -14.52
N LYS A 199 -4.68 29.03 -14.05
CA LYS A 199 -3.82 28.69 -12.92
C LYS A 199 -4.30 29.51 -11.72
N ILE A 200 -4.83 28.82 -10.71
CA ILE A 200 -5.37 29.47 -9.51
C ILE A 200 -4.29 29.48 -8.44
N MSE A 201 -4.05 30.66 -7.86
CA MSE A 201 -3.03 30.82 -6.82
C MSE A 201 -3.58 31.57 -5.62
O MSE A 201 -3.41 32.79 -5.52
CB MSE A 201 -1.81 31.55 -7.38
CG MSE A 201 -1.16 30.87 -8.56
SE MSE A 201 -0.20 32.11 -9.71
CE MSE A 201 1.59 31.90 -9.00
N PRO A 202 -4.22 30.84 -4.71
CA PRO A 202 -4.78 31.50 -3.51
C PRO A 202 -3.67 31.93 -2.57
N GLU A 203 -3.87 33.10 -1.95
CA GLU A 203 -2.94 33.66 -0.98
C GLU A 203 -3.65 33.69 0.37
N ARG A 204 -3.34 32.70 1.22
CA ARG A 204 -4.04 32.54 2.49
C ARG A 204 -3.85 33.77 3.38
N LEU A 205 -2.59 34.18 3.60
CA LEU A 205 -2.36 35.27 4.55
C LEU A 205 -2.64 36.64 3.96
N ALA A 206 -2.42 36.82 2.66
CA ALA A 206 -2.72 38.09 2.02
C ALA A 206 -4.20 38.29 1.77
N LYS A 207 -5.02 37.27 1.98
CA LYS A 207 -6.46 37.32 1.72
C LYS A 207 -6.74 37.75 0.27
N LYS A 208 -6.14 37.00 -0.65
CA LYS A 208 -6.26 37.29 -2.08
C LYS A 208 -6.41 35.99 -2.84
N VAL A 209 -6.85 36.10 -4.09
CA VAL A 209 -6.83 35.00 -5.05
C VAL A 209 -6.27 35.55 -6.35
N SER A 210 -5.12 35.03 -6.77
CA SER A 210 -4.50 35.42 -8.02
C SER A 210 -4.74 34.34 -9.07
N VAL A 211 -4.96 34.78 -10.31
CA VAL A 211 -5.31 33.88 -11.39
C VAL A 211 -4.48 34.26 -12.61
N SER A 212 -3.77 33.28 -13.18
CA SER A 212 -3.07 33.45 -14.44
C SER A 212 -3.82 32.63 -15.49
N ALA A 213 -4.62 33.31 -16.31
CA ALA A 213 -5.52 32.65 -17.23
C ALA A 213 -4.97 32.71 -18.65
N SER A 214 -5.11 31.60 -19.37
CA SER A 214 -4.72 31.50 -20.76
C SER A 214 -5.97 31.68 -21.61
N LEU A 215 -6.06 32.82 -22.30
CA LEU A 215 -7.22 33.16 -23.11
C LEU A 215 -6.91 32.96 -24.59
N MSE A 216 -7.92 32.54 -25.34
CA MSE A 216 -7.77 32.29 -26.76
C MSE A 216 -8.54 33.32 -27.59
O MSE A 216 -9.70 33.61 -27.31
CB MSE A 216 -8.25 30.87 -27.09
CG MSE A 216 -8.29 30.57 -28.58
SE MSE A 216 -6.52 30.66 -29.42
CE MSE A 216 -5.63 29.24 -28.42
N ASN A 217 -7.88 33.86 -28.60
CA ASN A 217 -8.47 34.82 -29.52
C ASN A 217 -8.36 34.26 -30.94
N ARG A 218 -9.45 33.67 -31.44
CA ARG A 218 -9.43 33.07 -32.77
C ARG A 218 -9.56 34.09 -33.89
N TYR A 219 -9.78 35.36 -33.57
CA TYR A 219 -9.81 36.40 -34.58
C TYR A 219 -8.40 36.65 -35.13
N GLU A 220 -8.33 37.20 -36.33
CA GLU A 220 -7.07 37.61 -36.91
C GLU A 220 -6.70 39.05 -36.58
N LYS A 221 -7.55 39.76 -35.83
CA LYS A 221 -7.30 41.10 -35.34
C LYS A 221 -7.34 41.09 -33.81
N ASP A 222 -7.01 42.24 -33.22
CA ASP A 222 -7.16 42.37 -31.77
C ASP A 222 -8.63 42.30 -31.38
N ALA A 223 -8.88 41.88 -30.14
CA ALA A 223 -10.24 41.72 -29.64
C ALA A 223 -10.39 42.46 -28.33
N ASN A 224 -11.46 43.25 -28.22
CA ASN A 224 -11.81 43.92 -26.98
C ASN A 224 -12.70 42.99 -26.16
N VAL A 225 -12.23 42.59 -24.99
CA VAL A 225 -12.94 41.61 -24.17
C VAL A 225 -13.21 42.20 -22.80
N VAL A 226 -14.19 41.61 -22.12
CA VAL A 226 -14.48 41.89 -20.73
C VAL A 226 -14.28 40.61 -19.93
N LEU A 227 -13.52 40.70 -18.84
CA LEU A 227 -13.10 39.55 -18.07
C LEU A 227 -13.63 39.69 -16.65
N GLU A 228 -14.50 38.78 -16.25
CA GLU A 228 -15.13 38.83 -14.93
C GLU A 228 -14.68 37.64 -14.11
N MSE A 229 -14.28 37.91 -12.87
CA MSE A 229 -13.80 36.88 -11.96
C MSE A 229 -14.60 36.93 -10.66
O MSE A 229 -14.78 38.00 -10.07
CB MSE A 229 -12.31 37.06 -11.71
CG MSE A 229 -11.73 36.19 -10.62
SE MSE A 229 -9.88 36.70 -10.25
CE MSE A 229 -9.54 35.51 -8.76
N THR A 230 -15.09 35.78 -10.22
CA THR A 230 -16.02 35.69 -9.11
C THR A 230 -15.59 34.59 -8.14
N VAL A 231 -15.44 34.95 -6.87
CA VAL A 231 -15.20 33.98 -5.80
C VAL A 231 -16.20 34.30 -4.70
N GLY A 232 -17.35 33.65 -4.74
CA GLY A 232 -18.39 33.91 -3.77
C GLY A 232 -19.07 35.23 -4.03
N ASN A 233 -19.10 36.11 -3.04
CA ASN A 233 -19.68 37.44 -3.18
C ASN A 233 -18.67 38.46 -3.69
N GLU A 234 -17.42 38.07 -3.91
CA GLU A 234 -16.39 38.97 -4.37
C GLU A 234 -16.27 38.90 -5.89
N LYS A 235 -16.31 40.06 -6.54
CA LYS A 235 -16.25 40.12 -7.99
C LYS A 235 -15.26 41.19 -8.42
N VAL A 236 -14.51 40.88 -9.48
CA VAL A 236 -13.61 41.84 -10.12
C VAL A 236 -13.77 41.69 -11.62
N GLN A 237 -14.01 42.81 -12.30
CA GLN A 237 -14.24 42.84 -13.73
C GLN A 237 -13.12 43.64 -14.40
N GLN A 238 -12.73 43.21 -15.59
CA GLN A 238 -11.57 43.81 -16.25
C GLN A 238 -11.77 43.84 -17.76
N GLN A 239 -11.47 44.98 -18.38
CA GLN A 239 -11.54 45.13 -19.83
C GLN A 239 -10.14 45.34 -20.39
N CYS A 240 -9.77 44.53 -21.37
CA CYS A 240 -8.46 44.64 -21.99
C CYS A 240 -8.57 44.22 -23.46
N THR A 241 -7.44 44.25 -24.14
CA THR A 241 -7.36 43.92 -25.56
C THR A 241 -6.48 42.69 -25.74
N LEU A 242 -7.03 41.69 -26.42
CA LEU A 242 -6.35 40.42 -26.65
C LEU A 242 -5.76 40.38 -28.05
N LYS A 243 -4.47 40.08 -28.14
CA LYS A 243 -3.84 39.88 -29.43
C LYS A 243 -4.32 38.56 -30.04
N PRO A 244 -4.18 38.38 -31.35
CA PRO A 244 -4.54 37.09 -31.95
C PRO A 244 -3.72 35.96 -31.35
N GLY A 245 -4.38 34.82 -31.13
CA GLY A 245 -3.74 33.67 -30.54
C GLY A 245 -3.92 33.60 -29.03
N GLU A 246 -3.02 32.85 -28.40
CA GLU A 246 -3.06 32.71 -26.96
C GLU A 246 -2.66 34.01 -26.28
N ASN A 247 -3.28 34.27 -25.13
CA ASN A 247 -3.00 35.45 -24.31
C ASN A 247 -2.85 35.01 -22.87
N GLN A 248 -1.94 35.65 -22.15
CA GLN A 248 -1.71 35.38 -20.73
C GLN A 248 -2.10 36.61 -19.93
N VAL A 249 -3.32 36.61 -19.40
CA VAL A 249 -3.79 37.66 -18.51
C VAL A 249 -3.63 37.22 -17.07
N MSE A 250 -3.39 38.18 -16.19
N MSE A 250 -3.36 38.18 -16.19
CA MSE A 250 -3.19 37.92 -14.77
CA MSE A 250 -3.21 37.90 -14.77
C MSE A 250 -4.06 38.84 -13.93
C MSE A 250 -4.07 38.84 -13.94
O MSE A 250 -3.96 40.07 -14.04
O MSE A 250 -3.99 40.06 -14.08
CB MSE A 250 -1.72 38.08 -14.41
CB MSE A 250 -1.75 38.02 -14.33
CG MSE A 250 -1.07 36.81 -13.86
CG MSE A 250 -1.10 36.69 -13.97
SE MSE A 250 0.77 36.56 -14.50
SE MSE A 250 -0.49 36.61 -12.10
CE MSE A 250 0.38 36.16 -16.36
CE MSE A 250 -2.19 36.82 -11.20
N MSE A 251 -4.91 38.26 -13.08
CA MSE A 251 -5.83 39.04 -12.26
C MSE A 251 -5.74 38.74 -10.77
O MSE A 251 -5.25 37.68 -10.36
CB MSE A 251 -7.26 38.81 -12.73
CG MSE A 251 -7.55 39.25 -14.13
SE MSE A 251 -9.44 39.13 -14.47
CE MSE A 251 -10.04 40.38 -13.11
N SER A 252 -6.25 39.66 -9.95
CA SER A 252 -6.26 39.52 -8.51
C SER A 252 -7.66 39.78 -7.98
N LEU A 253 -7.94 39.22 -6.80
CA LEU A 253 -9.22 39.41 -6.13
C LEU A 253 -8.98 39.48 -4.63
N ALA A 254 -9.48 40.54 -4.01
CA ALA A 254 -9.32 40.72 -2.57
C ALA A 254 -10.52 40.10 -1.84
N MSE A 255 -10.22 39.27 -0.84
CA MSE A 255 -11.26 38.69 0.01
C MSE A 255 -11.56 39.60 1.19
O MSE A 255 -10.67 39.88 1.99
CB MSE A 255 -10.84 37.31 0.51
CG MSE A 255 -10.39 36.32 -0.55
SE MSE A 255 -11.85 35.54 -1.59
CE MSE A 255 -11.91 36.83 -3.05
N LYS A 256 -12.80 40.06 1.31
CA LYS A 256 -13.16 40.98 2.38
C LYS A 256 -13.20 40.26 3.73
N GLY A 257 -13.95 39.17 3.81
CA GLY A 257 -14.18 38.48 5.06
C GLY A 257 -13.02 37.56 5.44
N ASP A 258 -13.25 36.81 6.50
CA ASP A 258 -12.28 35.82 6.95
C ASP A 258 -12.25 34.64 5.98
N ILE A 259 -11.08 34.04 5.86
CA ILE A 259 -10.84 32.95 4.92
C ILE A 259 -10.86 31.64 5.69
N LYS A 260 -11.61 30.66 5.17
CA LYS A 260 -11.62 29.32 5.73
C LYS A 260 -10.55 28.48 5.04
N CYS A 261 -9.59 27.98 5.80
CA CYS A 261 -8.46 27.24 5.26
C CYS A 261 -8.81 25.77 5.05
N TRP A 262 -8.04 25.13 4.17
CA TRP A 262 -8.22 23.73 3.82
C TRP A 262 -7.12 22.90 4.49
N ASP A 263 -7.50 21.78 5.07
CA ASP A 263 -6.56 20.87 5.72
C ASP A 263 -7.28 19.55 5.99
N GLU A 264 -6.57 18.64 6.67
CA GLU A 264 -7.12 17.33 6.98
C GLU A 264 -8.41 17.41 7.78
N PHE A 265 -8.49 18.37 8.71
CA PHE A 265 -9.60 18.41 9.65
C PHE A 265 -10.72 19.35 9.23
N SER A 266 -10.51 20.18 8.22
CA SER A 266 -11.52 21.12 7.75
C SER A 266 -11.27 21.41 6.29
N PRO A 267 -11.72 20.53 5.39
CA PRO A 267 -11.46 20.69 3.93
C PRO A 267 -12.40 21.70 3.27
N SER A 268 -12.30 22.96 3.67
CA SER A 268 -13.12 24.02 3.09
C SER A 268 -12.67 24.31 1.66
N LEU A 269 -13.64 24.49 0.77
CA LEU A 269 -13.37 24.73 -0.64
C LEU A 269 -14.15 25.95 -1.12
N TYR A 270 -13.55 26.69 -2.03
CA TYR A 270 -14.16 27.86 -2.64
C TYR A 270 -14.39 27.61 -4.13
N ASP A 271 -15.36 28.32 -4.70
CA ASP A 271 -15.69 28.23 -6.11
C ASP A 271 -15.17 29.46 -6.84
N LEU A 272 -14.43 29.24 -7.93
CA LEU A 272 -13.97 30.31 -8.80
C LEU A 272 -14.74 30.27 -10.11
N LYS A 273 -15.18 31.44 -10.57
CA LYS A 273 -15.83 31.59 -11.87
C LYS A 273 -15.08 32.65 -12.65
N LEU A 274 -14.66 32.30 -13.86
CA LEU A 274 -13.97 33.23 -14.75
C LEU A 274 -14.66 33.20 -16.10
N SER A 275 -15.14 34.36 -16.54
CA SER A 275 -15.83 34.47 -17.81
C SER A 275 -15.18 35.55 -18.66
N VAL A 276 -15.14 35.32 -19.97
CA VAL A 276 -14.62 36.27 -20.93
C VAL A 276 -15.73 36.59 -21.93
N LYS A 277 -15.92 37.86 -22.21
CA LYS A 277 -17.03 38.34 -23.03
C LYS A 277 -16.46 39.17 -24.17
N ASP A 278 -16.70 38.73 -25.40
CA ASP A 278 -16.31 39.50 -26.56
C ASP A 278 -17.26 40.69 -26.74
N ALA A 279 -16.69 41.89 -26.89
CA ALA A 279 -17.53 43.08 -26.99
C ALA A 279 -18.28 43.12 -28.32
N ASP A 280 -17.67 42.64 -29.40
CA ASP A 280 -18.32 42.68 -30.70
C ASP A 280 -19.45 41.65 -30.78
N SER A 281 -19.16 40.40 -30.42
CA SER A 281 -20.14 39.33 -30.61
C SER A 281 -21.11 39.17 -29.44
N GLY A 282 -20.77 39.70 -28.26
CA GLY A 282 -21.57 39.46 -27.07
C GLY A 282 -21.50 38.05 -26.52
N GLU A 283 -20.68 37.19 -27.09
CA GLU A 283 -20.57 35.81 -26.64
C GLU A 283 -19.70 35.72 -25.39
N THR A 284 -20.14 34.91 -24.43
CA THR A 284 -19.45 34.74 -23.16
C THR A 284 -19.09 33.29 -22.95
N ASP A 285 -17.81 33.02 -22.68
CA ASP A 285 -17.36 31.69 -22.29
C ASP A 285 -17.07 31.70 -20.80
N VAL A 286 -17.61 30.71 -20.09
CA VAL A 286 -17.53 30.65 -18.63
C VAL A 286 -16.66 29.47 -18.23
N TYR A 287 -15.78 29.71 -17.26
CA TYR A 287 -14.90 28.70 -16.69
C TYR A 287 -15.13 28.66 -15.18
N ALA A 288 -15.20 27.44 -14.63
CA ALA A 288 -15.46 27.26 -13.21
C ALA A 288 -14.57 26.16 -12.68
N GLU A 289 -14.07 26.35 -11.45
CA GLU A 289 -13.25 25.34 -10.81
C GLU A 289 -13.26 25.59 -9.30
N ARG A 290 -13.11 24.52 -8.54
N ARG A 290 -13.08 24.52 -8.54
CA ARG A 290 -12.98 24.63 -7.09
CA ARG A 290 -12.97 24.59 -7.09
C ARG A 290 -11.51 24.82 -6.72
C ARG A 290 -11.51 24.75 -6.68
N PHE A 291 -11.29 25.40 -5.54
CA PHE A 291 -9.93 25.59 -5.03
C PHE A 291 -9.99 25.72 -3.51
N GLY A 292 -8.83 25.62 -2.88
CA GLY A 292 -8.73 25.72 -1.44
C GLY A 292 -7.55 26.56 -1.02
N PHE A 293 -7.70 27.19 0.15
CA PHE A 293 -6.62 27.97 0.77
C PHE A 293 -5.81 27.07 1.69
N ARG A 294 -4.58 26.73 1.29
CA ARG A 294 -3.69 26.00 2.17
C ARG A 294 -2.25 26.25 1.75
N ASP A 295 -1.34 26.21 2.73
CA ASP A 295 0.09 26.41 2.48
C ASP A 295 0.86 25.26 3.12
N VAL A 296 1.33 24.32 2.30
CA VAL A 296 2.18 23.22 2.76
C VAL A 296 3.63 23.67 2.57
N LYS A 297 4.29 23.99 3.67
CA LYS A 297 5.64 24.55 3.63
C LYS A 297 6.52 23.80 4.62
N VAL A 298 7.83 24.00 4.45
CA VAL A 298 8.83 23.46 5.37
C VAL A 298 9.40 24.65 6.13
N LYS A 299 9.06 24.74 7.41
CA LYS A 299 9.52 25.81 8.27
C LYS A 299 10.42 25.21 9.34
N ASP A 300 11.68 25.65 9.37
CA ASP A 300 12.66 25.19 10.36
C ASP A 300 12.89 23.69 10.26
N GLY A 301 12.91 23.18 9.03
CA GLY A 301 13.14 21.77 8.80
C GLY A 301 12.03 20.86 9.23
N LYS A 302 10.80 21.37 9.32
CA LYS A 302 9.66 20.57 9.74
C LYS A 302 8.47 20.87 8.84
N LEU A 303 7.74 19.80 8.47
CA LEU A 303 6.56 19.96 7.63
C LEU A 303 5.48 20.73 8.37
N THR A 304 4.89 21.72 7.70
CA THR A 304 3.79 22.50 8.26
C THR A 304 2.71 22.67 7.20
N ILE A 305 1.47 22.71 7.65
CA ILE A 305 0.34 23.11 6.83
C ILE A 305 -0.38 24.24 7.54
N ASN A 306 -0.55 25.37 6.85
CA ASN A 306 -1.18 26.56 7.42
C ASN A 306 -0.52 26.92 8.75
N ASP A 307 0.81 26.80 8.80
CA ASP A 307 1.66 27.12 9.94
C ASP A 307 1.49 26.16 11.12
N ARG A 308 0.78 25.06 10.93
CA ARG A 308 0.64 24.03 11.95
C ARG A 308 1.54 22.85 11.59
N ARG A 309 2.19 22.28 12.61
CA ARG A 309 3.03 21.12 12.38
C ARG A 309 2.22 19.98 11.76
N LEU A 310 2.81 19.34 10.76
CA LEU A 310 2.13 18.35 9.93
C LEU A 310 2.85 17.01 10.02
N PHE A 311 2.09 15.93 10.14
CA PHE A 311 2.63 14.58 10.12
C PHE A 311 1.86 13.75 9.11
N LEU A 312 2.57 13.05 8.24
CA LEU A 312 1.95 12.29 7.17
C LEU A 312 1.82 10.82 7.57
N ARG A 313 0.59 10.33 7.62
CA ARG A 313 0.30 8.90 7.81
C ARG A 313 -0.34 8.43 6.50
N GLY A 314 0.47 7.84 5.61
CA GLY A 314 0.05 7.54 4.27
C GLY A 314 0.12 6.06 3.91
N THR A 315 -0.50 5.74 2.76
CA THR A 315 -0.38 4.43 2.14
C THR A 315 -0.27 4.64 0.63
N LEU A 316 0.16 3.60 -0.06
CA LEU A 316 0.38 3.70 -1.50
C LEU A 316 -0.87 3.32 -2.28
N ASP A 317 -1.05 3.97 -3.43
CA ASP A 317 -1.98 3.53 -4.46
C ASP A 317 -1.17 3.25 -5.72
N CYS A 318 -1.24 2.02 -6.20
CA CYS A 318 -0.45 1.58 -7.34
C CYS A 318 -1.32 1.28 -8.56
N ALA A 319 -2.49 1.92 -8.64
CA ALA A 319 -3.41 1.75 -9.77
C ALA A 319 -3.95 0.31 -9.85
N VAL A 320 -4.39 -0.21 -8.71
CA VAL A 320 -4.92 -1.57 -8.61
C VAL A 320 -6.43 -1.49 -8.65
N PHE A 321 -7.04 -1.97 -9.73
CA PHE A 321 -8.48 -1.97 -9.91
C PHE A 321 -8.87 -3.23 -10.67
N PRO A 322 -8.93 -4.37 -9.98
CA PRO A 322 -9.10 -5.65 -10.69
C PRO A 322 -10.39 -5.79 -11.46
N LYS A 323 -11.39 -4.96 -11.16
CA LYS A 323 -12.66 -5.07 -11.89
C LYS A 323 -12.48 -4.68 -13.35
N THR A 324 -11.63 -3.69 -13.61
CA THR A 324 -11.47 -3.12 -14.96
C THR A 324 -10.02 -3.05 -15.43
N GLY A 325 -9.04 -3.10 -14.55
CA GLY A 325 -7.66 -2.87 -14.92
C GLY A 325 -7.34 -1.38 -14.98
N PHE A 326 -7.97 -0.66 -15.90
CA PHE A 326 -7.80 0.77 -15.99
C PHE A 326 -8.47 1.46 -14.80
N PRO A 327 -8.00 2.66 -14.44
CA PRO A 327 -8.50 3.31 -13.22
C PRO A 327 -9.93 3.80 -13.40
N PRO A 328 -10.66 3.98 -12.29
CA PRO A 328 -12.00 4.57 -12.39
C PRO A 328 -11.94 6.08 -12.44
N THR A 329 -12.88 6.66 -13.19
CA THR A 329 -12.92 8.09 -13.41
C THR A 329 -14.08 8.77 -12.69
N ASP A 330 -14.78 8.06 -11.82
CA ASP A 330 -15.87 8.63 -11.03
C ASP A 330 -15.38 9.00 -9.63
N VAL A 331 -16.05 10.00 -9.04
CA VAL A 331 -15.63 10.49 -7.73
C VAL A 331 -15.92 9.45 -6.65
N GLU A 332 -17.03 8.74 -6.77
CA GLU A 332 -17.43 7.82 -5.70
C GLU A 332 -16.43 6.69 -5.53
N SER A 333 -15.86 6.19 -6.62
CA SER A 333 -14.84 5.14 -6.51
C SER A 333 -13.68 5.59 -5.64
N TRP A 334 -13.20 6.81 -5.86
CA TRP A 334 -12.11 7.33 -5.05
C TRP A 334 -12.58 7.77 -3.66
N LYS A 335 -13.82 8.24 -3.54
CA LYS A 335 -14.36 8.57 -2.23
C LYS A 335 -14.33 7.35 -1.31
N LYS A 336 -14.61 6.17 -1.85
CA LYS A 336 -14.58 4.95 -1.04
C LYS A 336 -13.18 4.66 -0.53
N ILE A 337 -12.17 4.76 -1.42
CA ILE A 337 -10.80 4.46 -1.02
C ILE A 337 -10.31 5.43 0.04
N TYR A 338 -10.55 6.73 -0.17
CA TYR A 338 -10.15 7.71 0.84
C TYR A 338 -10.91 7.52 2.15
N THR A 339 -12.17 7.09 2.08
CA THR A 339 -12.95 6.89 3.31
C THR A 339 -12.38 5.75 4.13
N THR A 340 -12.15 4.59 3.50
CA THR A 340 -11.57 3.48 4.25
C THR A 340 -10.14 3.80 4.70
N CYS A 341 -9.42 4.61 3.94
CA CYS A 341 -8.10 5.07 4.40
C CYS A 341 -8.24 5.90 5.67
N ARG A 342 -9.16 6.85 5.68
CA ARG A 342 -9.37 7.66 6.88
C ARG A 342 -9.94 6.80 8.02
N GLN A 343 -10.68 5.75 7.69
N GLN A 343 -10.71 5.76 7.69
CA GLN A 343 -11.19 4.86 8.73
CA GLN A 343 -11.20 4.84 8.71
C GLN A 343 -10.07 4.13 9.46
C GLN A 343 -10.06 4.17 9.47
N HIS A 344 -8.93 3.94 8.80
CA HIS A 344 -7.76 3.35 9.43
C HIS A 344 -6.80 4.39 9.97
N GLY A 345 -7.21 5.66 10.00
CA GLY A 345 -6.41 6.73 10.57
C GLY A 345 -5.45 7.43 9.64
N LEU A 346 -5.51 7.16 8.34
CA LEU A 346 -4.57 7.78 7.41
C LEU A 346 -5.06 9.14 6.94
N ASN A 347 -4.11 9.98 6.52
CA ASN A 347 -4.42 11.28 5.95
C ASN A 347 -3.65 11.56 4.66
N HIS A 348 -2.98 10.56 4.11
CA HIS A 348 -2.05 10.76 3.00
C HIS A 348 -2.07 9.55 2.11
N VAL A 349 -1.95 9.79 0.80
CA VAL A 349 -1.86 8.73 -0.20
C VAL A 349 -0.76 9.10 -1.19
N ARG A 350 0.18 8.19 -1.40
CA ARG A 350 1.19 8.34 -2.45
C ARG A 350 0.77 7.50 -3.66
N PHE A 351 0.86 8.09 -4.85
CA PHE A 351 0.57 7.40 -6.10
C PHE A 351 1.90 6.99 -6.73
N HIS A 352 2.16 5.68 -6.71
CA HIS A 352 3.45 5.09 -7.10
C HIS A 352 3.56 5.07 -8.63
N SER A 353 4.44 5.90 -9.17
CA SER A 353 4.83 5.89 -10.59
C SER A 353 3.62 5.95 -11.54
N TRP A 354 2.59 6.70 -11.14
CA TRP A 354 1.46 6.97 -12.00
C TRP A 354 0.68 8.15 -11.44
N CYS A 355 -0.12 8.79 -12.30
CA CYS A 355 -0.97 9.89 -11.88
C CYS A 355 -2.43 9.52 -12.04
N PRO A 356 -3.25 9.71 -11.01
CA PRO A 356 -4.65 9.29 -11.09
C PRO A 356 -5.48 10.29 -11.88
N PRO A 357 -6.69 9.90 -12.31
CA PRO A 357 -7.53 10.85 -13.06
C PRO A 357 -8.11 11.95 -12.18
N GLU A 358 -8.86 12.86 -12.81
CA GLU A 358 -9.37 14.04 -12.11
C GLU A 358 -10.18 13.66 -10.88
N ALA A 359 -10.98 12.59 -10.96
CA ALA A 359 -11.87 12.24 -9.86
C ALA A 359 -11.11 11.99 -8.57
N ALA A 360 -9.90 11.43 -8.64
CA ALA A 360 -9.14 11.17 -7.42
C ALA A 360 -8.76 12.47 -6.73
N PHE A 361 -8.45 13.52 -7.50
CA PHE A 361 -8.14 14.81 -6.89
C PHE A 361 -9.40 15.44 -6.30
N ALA A 362 -10.52 15.41 -7.04
CA ALA A 362 -11.75 16.01 -6.56
C ALA A 362 -12.26 15.33 -5.29
N ALA A 363 -12.20 13.99 -5.26
CA ALA A 363 -12.59 13.27 -4.04
C ALA A 363 -11.71 13.66 -2.87
N ALA A 364 -10.40 13.72 -3.08
CA ALA A 364 -9.49 14.08 -2.00
C ALA A 364 -9.65 15.52 -1.55
N ASP A 365 -10.16 16.41 -2.42
CA ASP A 365 -10.39 17.78 -2.01
C ASP A 365 -11.44 17.86 -0.91
N GLY A 366 -12.55 17.15 -1.08
CA GLY A 366 -13.60 17.16 -0.08
C GLY A 366 -13.33 16.33 1.14
N MSE A 367 -12.42 15.37 1.03
CA MSE A 367 -12.05 14.51 2.16
C MSE A 367 -10.99 15.14 3.05
O MSE A 367 -10.91 14.84 4.23
CB MSE A 367 -11.52 13.16 1.64
CG MSE A 367 -12.54 12.30 0.93
SE MSE A 367 -13.81 11.50 2.13
CE MSE A 367 -12.57 10.60 3.33
N GLY A 368 -10.18 16.03 2.47
CA GLY A 368 -9.04 16.55 3.17
C GLY A 368 -7.85 15.60 3.19
N MSE A 369 -7.60 14.89 2.09
CA MSE A 369 -6.45 13.99 2.02
C MSE A 369 -5.28 14.69 1.34
O MSE A 369 -5.47 15.44 0.38
CB MSE A 369 -6.82 12.71 1.25
CG MSE A 369 -8.01 11.96 1.83
SE MSE A 369 -7.63 11.09 3.53
CE MSE A 369 -6.36 9.76 2.92
N TYR A 370 -4.08 14.45 1.84
CA TYR A 370 -2.87 14.99 1.24
C TYR A 370 -2.32 13.98 0.24
N LEU A 371 -2.25 14.37 -1.03
CA LEU A 371 -1.82 13.49 -2.09
C LEU A 371 -0.40 13.82 -2.52
N GLU A 372 0.36 12.79 -2.89
CA GLU A 372 1.66 12.93 -3.53
C GLU A 372 1.61 12.23 -4.88
N ILE A 373 1.85 12.98 -5.94
CA ILE A 373 1.67 12.52 -7.32
C ILE A 373 3.03 12.35 -7.97
N GLU A 374 3.17 11.29 -8.78
CA GLU A 374 4.39 11.04 -9.53
C GLU A 374 4.08 11.05 -11.03
N CYS A 375 5.13 11.17 -11.83
CA CYS A 375 4.99 11.44 -13.26
C CYS A 375 5.11 10.19 -14.10
N SER A 376 4.40 9.12 -13.72
CA SER A 376 4.15 7.96 -14.56
C SER A 376 5.40 7.13 -14.85
N SER A 377 6.43 7.21 -13.99
CA SER A 377 7.68 6.54 -14.32
C SER A 377 8.33 5.91 -13.10
N TRP A 378 8.84 4.69 -13.29
CA TRP A 378 9.77 4.02 -12.40
C TRP A 378 10.98 3.68 -13.26
N ALA A 379 11.84 4.69 -13.48
CA ALA A 379 12.90 4.62 -14.48
C ALA A 379 14.06 3.76 -13.96
N ASN A 380 13.85 2.44 -14.02
CA ASN A 380 14.85 1.49 -13.56
C ASN A 380 14.60 0.16 -14.27
N GLN A 381 15.47 -0.82 -13.98
CA GLN A 381 15.38 -2.17 -14.52
C GLN A 381 15.49 -2.19 -16.03
N SER A 382 14.45 -1.71 -16.73
CA SER A 382 14.43 -1.73 -18.18
C SER A 382 15.03 -0.48 -18.81
N THR A 383 15.09 0.62 -18.07
CA THR A 383 15.45 1.90 -18.65
C THR A 383 16.19 2.72 -17.62
N THR A 384 16.38 3.99 -17.93
CA THR A 384 17.23 4.88 -17.15
C THR A 384 16.78 6.30 -17.44
N ILE A 385 17.03 7.19 -16.49
CA ILE A 385 16.60 8.58 -16.62
C ILE A 385 17.80 9.49 -16.42
N GLY A 386 17.85 10.57 -17.19
CA GLY A 386 18.91 11.55 -17.09
C GLY A 386 20.10 11.30 -17.99
N ASP A 387 20.02 10.33 -18.90
CA ASP A 387 21.13 9.96 -19.75
C ASP A 387 20.90 10.38 -21.21
N GLY A 388 19.98 11.30 -21.45
CA GLY A 388 19.73 11.81 -22.78
C GLY A 388 18.74 11.04 -23.61
N GLY A 389 18.05 10.06 -23.02
CA GLY A 389 17.06 9.30 -23.74
C GLY A 389 15.77 10.08 -23.92
N ASP A 390 14.86 9.50 -24.71
CA ASP A 390 13.59 10.17 -24.97
C ASP A 390 12.73 10.28 -23.72
N LEU A 391 12.98 9.44 -22.71
CA LEU A 391 12.25 9.56 -21.46
C LEU A 391 12.52 10.90 -20.78
N ASP A 392 13.72 11.46 -20.95
CA ASP A 392 14.07 12.71 -20.28
C ASP A 392 13.10 13.83 -20.64
N ARG A 393 12.86 14.02 -21.94
CA ARG A 393 11.91 15.05 -22.36
C ARG A 393 10.47 14.67 -22.05
N PHE A 394 10.17 13.38 -22.03
CA PHE A 394 8.79 12.96 -21.74
C PHE A 394 8.41 13.31 -20.31
N ILE A 395 9.31 13.08 -19.35
CA ILE A 395 9.00 13.39 -17.96
C ILE A 395 8.77 14.88 -17.77
N TRP A 396 9.52 15.71 -18.49
CA TRP A 396 9.29 17.15 -18.42
C TRP A 396 7.91 17.50 -18.95
N GLU A 397 7.56 16.98 -20.12
CA GLU A 397 6.24 17.24 -20.70
C GLU A 397 5.14 16.61 -19.87
N GLU A 398 5.39 15.43 -19.29
CA GLU A 398 4.36 14.78 -18.48
C GLU A 398 4.09 15.56 -17.21
N SER A 399 5.14 16.05 -16.54
CA SER A 399 4.96 16.84 -15.33
C SER A 399 4.23 18.16 -15.63
N GLU A 400 4.53 18.78 -16.77
CA GLU A 400 3.83 20.01 -17.14
C GLU A 400 2.35 19.73 -17.40
N ARG A 401 2.03 18.60 -18.03
CA ARG A 401 0.64 18.23 -18.24
C ARG A 401 -0.07 18.00 -16.91
N ILE A 402 0.58 17.30 -15.98
CA ILE A 402 -0.04 16.98 -14.70
C ILE A 402 -0.32 18.24 -13.89
N VAL A 403 0.65 19.16 -13.83
CA VAL A 403 0.46 20.39 -13.07
C VAL A 403 -0.56 21.30 -13.75
N ARG A 404 -0.62 21.30 -15.09
CA ARG A 404 -1.59 22.12 -15.80
C ARG A 404 -3.01 21.61 -15.56
N GLU A 405 -3.19 20.29 -15.49
CA GLU A 405 -4.53 19.72 -15.36
C GLU A 405 -4.99 19.69 -13.90
N PHE A 406 -4.13 19.22 -12.99
CA PHE A 406 -4.53 18.97 -11.62
C PHE A 406 -3.85 19.91 -10.61
N GLY A 407 -3.04 20.85 -11.08
CA GLY A 407 -2.28 21.70 -10.16
C GLY A 407 -3.12 22.62 -9.30
N ASN A 408 -4.38 22.89 -9.68
CA ASN A 408 -5.23 23.76 -8.89
C ASN A 408 -5.91 23.04 -7.73
N HIS A 409 -5.83 21.72 -7.66
CA HIS A 409 -6.48 20.99 -6.58
C HIS A 409 -5.70 21.21 -5.29
N PRO A 410 -6.37 21.51 -4.17
CA PRO A 410 -5.64 21.61 -2.89
C PRO A 410 -5.09 20.28 -2.42
N SER A 411 -5.62 19.15 -2.87
CA SER A 411 -5.10 17.87 -2.42
C SER A 411 -3.74 17.57 -3.05
N PHE A 412 -3.44 18.18 -4.19
CA PHE A 412 -2.14 18.03 -4.82
C PHE A 412 -1.10 18.76 -3.99
N CYS A 413 -0.53 18.07 -2.99
CA CYS A 413 0.38 18.67 -2.02
C CYS A 413 1.84 18.38 -2.29
N MSE A 414 2.17 17.22 -2.86
CA MSE A 414 3.55 16.86 -3.12
C MSE A 414 3.71 16.26 -4.51
O MSE A 414 2.80 15.62 -5.02
CB MSE A 414 4.06 15.88 -2.08
CG MSE A 414 4.14 16.43 -0.67
SE MSE A 414 4.03 15.01 0.63
CE MSE A 414 2.09 14.95 0.81
N MSE A 415 4.89 16.43 -5.11
CA MSE A 415 5.15 15.82 -6.39
C MSE A 415 6.60 15.35 -6.54
O MSE A 415 7.54 16.03 -6.11
CB MSE A 415 4.83 16.80 -7.53
CG MSE A 415 4.78 16.14 -8.89
SE MSE A 415 4.77 17.41 -10.38
CE MSE A 415 6.64 17.98 -10.28
N MSE A 416 6.77 14.17 -7.15
CA MSE A 416 8.10 13.67 -7.50
C MSE A 416 8.12 13.23 -8.98
O MSE A 416 7.07 13.12 -9.61
CB MSE A 416 8.50 12.51 -6.60
CG MSE A 416 8.27 12.75 -5.11
SE MSE A 416 9.03 11.31 -3.99
CE MSE A 416 7.97 11.55 -2.38
N TYR A 417 9.32 12.99 -9.53
CA TYR A 417 9.40 12.42 -10.87
C TYR A 417 8.70 11.07 -10.91
N GLY A 418 8.91 10.25 -9.89
CA GLY A 418 8.53 8.85 -9.90
C GLY A 418 9.25 8.10 -8.80
N ASN A 419 9.50 6.82 -9.07
CA ASN A 419 9.99 5.88 -8.07
C ASN A 419 11.41 5.44 -8.41
N GLU A 420 12.21 5.22 -7.35
CA GLU A 420 13.53 4.56 -7.34
C GLU A 420 14.28 4.67 -8.67
N PRO A 421 14.79 5.86 -9.01
CA PRO A 421 15.38 6.06 -10.32
C PRO A 421 16.75 5.39 -10.46
N ALA A 422 17.10 5.10 -11.71
CA ALA A 422 18.43 4.62 -12.06
C ALA A 422 19.02 5.53 -13.12
N GLY A 423 20.34 5.57 -13.19
CA GLY A 423 21.01 6.36 -14.20
C GLY A 423 22.20 7.15 -13.69
N GLU A 424 23.30 7.10 -14.43
CA GLU A 424 24.50 7.82 -14.02
C GLU A 424 24.26 9.33 -14.03
N GLY A 425 23.35 9.82 -14.87
CA GLY A 425 23.03 11.23 -14.90
C GLY A 425 21.69 11.53 -14.27
N SER A 426 21.18 10.60 -13.47
CA SER A 426 19.86 10.82 -12.87
C SER A 426 19.91 11.83 -11.72
N ASN A 427 21.00 11.85 -10.95
CA ASN A 427 21.13 12.86 -9.90
C ASN A 427 21.09 14.26 -10.47
N ALA A 428 21.86 14.51 -11.53
CA ALA A 428 21.86 15.82 -12.17
C ALA A 428 20.48 16.16 -12.73
N TYR A 429 19.88 15.22 -13.44
CA TYR A 429 18.56 15.45 -14.01
C TYR A 429 17.54 15.79 -12.93
N LEU A 430 17.50 14.99 -11.86
CA LEU A 430 16.51 15.23 -10.81
C LEU A 430 16.82 16.49 -10.00
N THR A 431 18.09 16.90 -9.93
CA THR A 431 18.40 18.17 -9.29
C THR A 431 17.81 19.34 -10.07
N ASN A 432 18.02 19.34 -11.39
CA ASN A 432 17.41 20.37 -12.23
C ASN A 432 15.89 20.28 -12.19
N PHE A 433 15.35 19.06 -12.11
CA PHE A 433 13.90 18.87 -12.07
C PHE A 433 13.30 19.52 -10.83
N VAL A 434 13.82 19.17 -9.65
CA VAL A 434 13.30 19.72 -8.41
C VAL A 434 13.53 21.23 -8.35
N THR A 435 14.72 21.71 -8.74
CA THR A 435 15.00 23.12 -8.65
C THR A 435 14.06 23.93 -9.54
N THR A 436 13.87 23.49 -10.78
CA THR A 436 13.02 24.22 -11.71
C THR A 436 11.58 24.28 -11.24
N TRP A 437 11.04 23.15 -10.76
CA TRP A 437 9.65 23.16 -10.32
C TRP A 437 9.45 24.00 -9.07
N LYS A 438 10.41 23.99 -8.14
CA LYS A 438 10.29 24.85 -6.97
C LYS A 438 10.23 26.32 -7.37
N GLU A 439 10.90 26.68 -8.46
CA GLU A 439 10.82 28.04 -8.97
C GLU A 439 9.53 28.28 -9.75
N ARG A 440 9.07 27.29 -10.52
CA ARG A 440 7.89 27.47 -11.36
C ARG A 440 6.62 27.59 -10.52
N ASP A 441 6.47 26.74 -9.51
CA ASP A 441 5.19 26.59 -8.83
C ASP A 441 5.44 26.24 -7.36
N ALA A 442 5.18 27.19 -6.48
CA ALA A 442 5.35 26.99 -5.04
C ALA A 442 4.06 26.55 -4.34
N ARG A 443 3.09 26.01 -5.09
CA ARG A 443 1.86 25.54 -4.48
C ARG A 443 1.98 24.14 -3.89
N ARG A 444 3.14 23.51 -4.00
CA ARG A 444 3.32 22.16 -3.49
C ARG A 444 4.79 21.93 -3.17
N LEU A 445 5.05 20.82 -2.47
CA LEU A 445 6.41 20.41 -2.10
C LEU A 445 6.93 19.39 -3.11
N TYR A 446 8.24 19.43 -3.34
CA TYR A 446 8.86 18.62 -4.38
C TYR A 446 9.96 17.74 -3.81
N CYS A 447 10.05 16.52 -4.32
CA CYS A 447 11.14 15.61 -3.98
C CYS A 447 11.60 14.90 -5.25
N SER A 448 12.89 14.60 -5.31
CA SER A 448 13.49 14.00 -6.50
C SER A 448 12.78 12.71 -6.89
N GLY A 449 12.89 11.68 -6.07
CA GLY A 449 12.22 10.43 -6.35
C GLY A 449 11.98 9.67 -5.06
N ALA A 450 11.12 8.66 -5.16
CA ALA A 450 10.77 7.87 -3.98
C ALA A 450 11.87 6.87 -3.67
N GLY A 451 12.27 6.79 -2.41
CA GLY A 451 13.35 5.93 -1.96
C GLY A 451 14.73 6.55 -2.07
N TRP A 452 14.99 7.25 -3.16
CA TRP A 452 16.26 7.91 -3.43
C TRP A 452 16.12 8.72 -4.71
N PRO A 453 17.03 9.68 -4.98
CA PRO A 453 18.18 10.11 -4.19
C PRO A 453 17.87 11.24 -3.21
N ASN A 454 18.51 11.24 -2.05
CA ASN A 454 18.40 12.37 -1.13
C ASN A 454 19.20 13.55 -1.70
N LEU A 455 18.50 14.52 -2.28
CA LEU A 455 19.18 15.70 -2.76
C LEU A 455 19.01 16.86 -1.79
N PRO A 456 20.05 17.67 -1.61
CA PRO A 456 19.92 18.84 -0.72
C PRO A 456 18.90 19.85 -1.19
N VAL A 457 18.52 19.82 -2.47
CA VAL A 457 17.53 20.77 -2.99
C VAL A 457 16.09 20.29 -2.77
N ASN A 458 15.90 19.06 -2.29
CA ASN A 458 14.57 18.55 -2.01
C ASN A 458 13.92 19.34 -0.88
N ASP A 459 12.59 19.51 -0.97
CA ASP A 459 11.84 20.09 0.14
C ASP A 459 11.78 19.11 1.31
N PHE A 460 11.45 17.86 1.01
CA PHE A 460 11.47 16.77 1.98
C PHE A 460 12.19 15.59 1.37
N LEU A 461 12.55 14.62 2.21
CA LEU A 461 13.31 13.46 1.78
C LEU A 461 12.44 12.21 1.81
N SER A 462 12.67 11.32 0.83
CA SER A 462 12.02 10.01 0.76
C SER A 462 13.10 8.95 0.89
N ASP A 463 13.10 8.25 2.03
CA ASP A 463 14.17 7.34 2.40
C ASP A 463 13.57 6.04 2.92
N SER A 464 14.17 4.92 2.53
CA SER A 464 13.70 3.60 2.94
C SER A 464 14.36 3.09 4.22
N ASN A 465 15.38 3.78 4.73
CA ASN A 465 16.06 3.29 5.92
C ASN A 465 15.21 3.34 7.18
N PRO A 466 14.43 4.40 7.48
CA PRO A 466 13.71 4.43 8.77
C PRO A 466 12.50 3.50 8.80
N ARG A 467 12.75 2.20 8.84
CA ARG A 467 11.66 1.24 8.95
C ARG A 467 12.23 -0.05 9.54
N ILE A 468 11.34 -0.98 9.85
CA ILE A 468 11.75 -2.20 10.55
C ILE A 468 12.46 -3.16 9.58
N GLN A 469 11.82 -3.47 8.45
CA GLN A 469 12.29 -4.53 7.56
C GLN A 469 12.91 -3.91 6.32
N ALA A 470 14.22 -4.04 6.20
CA ALA A 470 14.92 -3.57 5.02
C ALA A 470 15.09 -4.70 4.01
N TRP A 471 15.32 -4.32 2.76
CA TRP A 471 15.54 -5.29 1.70
C TRP A 471 16.80 -6.11 2.00
N GLY A 472 16.65 -7.42 2.09
CA GLY A 472 17.74 -8.30 2.41
C GLY A 472 18.02 -8.49 3.89
N GLN A 473 17.34 -7.75 4.77
CA GLN A 473 17.64 -7.83 6.18
C GLN A 473 17.20 -9.18 6.77
N GLY A 474 16.05 -9.68 6.32
CA GLY A 474 15.61 -11.00 6.73
C GLY A 474 15.39 -11.09 8.23
N VAL A 475 15.97 -12.13 8.83
CA VAL A 475 15.83 -12.38 10.27
C VAL A 475 16.70 -11.47 11.12
N LYS A 476 17.57 -10.68 10.50
CA LYS A 476 18.42 -9.78 11.27
C LYS A 476 17.72 -8.49 11.70
N SER A 477 16.44 -8.32 11.36
CA SER A 477 15.72 -7.10 11.71
C SER A 477 15.38 -7.08 13.20
N ILE A 478 14.99 -5.89 13.69
CA ILE A 478 14.72 -5.72 15.11
C ILE A 478 13.59 -6.65 15.55
N ILE A 479 12.52 -6.75 14.75
CA ILE A 479 11.37 -7.55 15.13
C ILE A 479 11.73 -9.03 15.22
N ASN A 480 12.73 -9.47 14.45
CA ASN A 480 13.08 -10.89 14.35
C ASN A 480 14.31 -11.29 15.16
N ALA A 481 15.26 -10.37 15.35
CA ALA A 481 16.55 -10.73 15.93
C ALA A 481 16.65 -10.42 17.41
N GLN A 482 15.75 -9.61 17.95
CA GLN A 482 15.79 -9.22 19.36
C GLN A 482 14.45 -9.51 20.01
N ALA A 483 14.50 -9.74 21.33
CA ALA A 483 13.29 -10.04 22.09
C ALA A 483 12.30 -8.88 21.99
N PRO A 484 11.00 -9.16 22.13
CA PRO A 484 9.99 -8.12 21.93
C PRO A 484 10.18 -6.93 22.86
N ARG A 485 9.92 -5.74 22.32
CA ARG A 485 10.10 -4.46 23.02
C ARG A 485 9.40 -3.40 22.20
N THR A 486 9.11 -2.26 22.85
CA THR A 486 8.43 -1.15 22.18
C THR A 486 9.09 0.18 22.54
N ASP A 487 10.42 0.20 22.62
CA ASP A 487 11.14 1.39 23.03
C ASP A 487 12.15 1.87 21.98
N TYR A 488 12.01 1.41 20.74
CA TYR A 488 12.91 1.80 19.66
C TYR A 488 12.22 2.80 18.72
N ASP A 489 13.04 3.61 18.06
CA ASP A 489 12.58 4.55 17.05
C ASP A 489 13.72 4.81 16.09
N TRP A 490 13.45 5.64 15.08
CA TRP A 490 14.44 5.96 14.05
C TRP A 490 15.01 7.36 14.23
N SER A 491 15.02 7.88 15.46
CA SER A 491 15.41 9.26 15.69
C SER A 491 16.88 9.49 15.37
N GLU A 492 17.73 8.46 15.53
CA GLU A 492 19.15 8.64 15.25
C GLU A 492 19.38 8.87 13.77
N TYR A 493 18.74 8.09 12.91
CA TYR A 493 18.97 8.23 11.47
C TYR A 493 18.45 9.57 10.96
N ILE A 494 17.19 9.88 11.24
CA ILE A 494 16.62 11.12 10.71
C ILE A 494 17.26 12.35 11.35
N GLY A 495 17.90 12.18 12.50
CA GLY A 495 18.64 13.29 13.09
C GLY A 495 19.88 13.70 12.32
N ARG A 496 20.28 12.92 11.31
CA ARG A 496 21.43 13.24 10.49
C ARG A 496 21.11 14.22 9.36
N PHE A 497 19.84 14.61 9.20
CA PHE A 497 19.42 15.44 8.09
C PHE A 497 18.76 16.71 8.60
N GLN A 498 19.01 17.82 7.89
CA GLN A 498 18.36 19.09 8.16
C GLN A 498 17.06 19.25 7.39
N GLN A 499 16.54 18.18 6.80
CA GLN A 499 15.32 18.21 6.03
C GLN A 499 14.30 17.24 6.62
N PRO A 500 13.01 17.54 6.50
CA PRO A 500 12.01 16.57 6.94
C PRO A 500 12.05 15.33 6.08
N MSE A 501 11.82 14.18 6.70
CA MSE A 501 11.92 12.90 6.01
C MSE A 501 10.64 12.08 6.14
O MSE A 501 10.01 12.04 7.20
CB MSE A 501 13.11 12.10 6.55
CG MSE A 501 13.26 10.70 5.98
SE MSE A 501 14.93 9.92 6.56
CE MSE A 501 16.14 10.98 5.46
N VAL A 502 10.26 11.42 5.06
CA VAL A 502 9.09 10.55 5.01
C VAL A 502 9.55 9.13 4.72
N SER A 503 9.13 8.18 5.55
CA SER A 503 9.41 6.77 5.34
C SER A 503 8.93 6.32 3.96
N HIS A 504 9.71 5.45 3.34
CA HIS A 504 9.43 4.94 1.99
C HIS A 504 9.03 3.47 2.06
N GLU A 505 7.75 3.19 1.79
CA GLU A 505 7.24 1.82 1.62
C GLU A 505 7.54 0.95 2.84
N ILE A 506 6.96 1.32 3.97
CA ILE A 506 7.21 0.61 5.22
C ILE A 506 6.20 -0.52 5.38
N GLY A 507 6.55 -1.47 6.25
CA GLY A 507 5.71 -2.64 6.46
C GLY A 507 6.08 -3.77 5.53
N GLN A 508 5.26 -3.96 4.49
CA GLN A 508 5.45 -5.05 3.51
C GLN A 508 5.31 -6.41 4.18
N TRP A 509 4.41 -6.51 5.15
CA TRP A 509 4.16 -7.75 5.87
C TRP A 509 3.03 -8.52 5.21
N CYS A 510 3.23 -9.82 5.02
CA CYS A 510 2.35 -10.63 4.19
C CYS A 510 1.28 -11.38 4.98
N VAL A 511 0.17 -11.66 4.29
CA VAL A 511 -0.92 -12.50 4.76
C VAL A 511 -1.03 -13.69 3.82
N TYR A 512 -1.59 -14.78 4.34
CA TYR A 512 -1.93 -15.89 3.47
C TYR A 512 -3.06 -15.46 2.54
N PRO A 513 -3.06 -15.92 1.28
CA PRO A 513 -4.12 -15.51 0.36
C PRO A 513 -5.51 -15.85 0.87
N ASN A 514 -6.44 -14.93 0.64
CA ASN A 514 -7.83 -15.06 1.08
C ASN A 514 -8.64 -15.59 -0.10
N PHE A 515 -8.82 -16.91 -0.15
CA PHE A 515 -9.51 -17.51 -1.28
C PHE A 515 -10.99 -17.10 -1.35
N LYS A 516 -11.56 -16.60 -0.25
CA LYS A 516 -12.96 -16.17 -0.27
C LYS A 516 -13.17 -15.00 -1.23
N GLU A 517 -12.16 -14.15 -1.40
CA GLU A 517 -12.31 -12.96 -2.22
C GLU A 517 -12.28 -13.26 -3.72
N MSE A 518 -11.95 -14.50 -4.11
CA MSE A 518 -11.83 -14.85 -5.53
C MSE A 518 -13.14 -14.60 -6.28
O MSE A 518 -13.13 -14.34 -7.48
CB MSE A 518 -11.41 -16.32 -5.68
CG MSE A 518 -10.01 -16.63 -5.16
SE MSE A 518 -9.50 -18.51 -5.37
CE MSE A 518 -10.16 -18.79 -7.19
N ALA A 519 -14.27 -14.66 -5.58
CA ALA A 519 -15.55 -14.42 -6.22
C ALA A 519 -15.73 -12.97 -6.66
N LYS A 520 -14.97 -12.04 -6.07
CA LYS A 520 -15.10 -10.63 -6.44
C LYS A 520 -14.52 -10.34 -7.82
N TYR A 521 -13.67 -11.21 -8.34
CA TYR A 521 -13.01 -10.99 -9.64
C TYR A 521 -13.94 -11.46 -10.75
N ASP A 522 -14.88 -10.59 -11.11
CA ASP A 522 -15.81 -10.85 -12.21
C ASP A 522 -15.52 -9.98 -13.42
N GLY A 523 -14.36 -9.31 -13.46
CA GLY A 523 -14.05 -8.38 -14.52
C GLY A 523 -12.87 -8.76 -15.37
N VAL A 524 -12.00 -7.80 -15.66
CA VAL A 524 -10.85 -8.05 -16.54
C VAL A 524 -9.87 -8.99 -15.88
N MSE A 525 -9.51 -8.72 -14.63
CA MSE A 525 -8.51 -9.50 -13.92
C MSE A 525 -9.11 -10.72 -13.23
O MSE A 525 -10.17 -10.64 -12.61
CB MSE A 525 -7.80 -8.63 -12.88
CG MSE A 525 -7.16 -7.39 -13.47
SE MSE A 525 -5.79 -7.84 -14.79
CE MSE A 525 -5.34 -6.04 -15.39
N ARG A 526 -8.42 -11.86 -13.35
CA ARG A 526 -8.83 -13.11 -12.74
C ARG A 526 -7.71 -13.65 -11.88
N PRO A 527 -7.99 -14.09 -10.65
CA PRO A 527 -6.93 -14.55 -9.74
C PRO A 527 -6.49 -15.98 -10.01
N ARG A 528 -5.93 -16.20 -11.20
CA ARG A 528 -5.41 -17.52 -11.55
C ARG A 528 -4.27 -17.93 -10.62
N ASN A 529 -3.50 -16.95 -10.14
CA ASN A 529 -2.45 -17.25 -9.16
C ASN A 529 -3.04 -17.82 -7.88
N PHE A 530 -4.13 -17.22 -7.38
CA PHE A 530 -4.82 -17.77 -6.23
C PHE A 530 -5.31 -19.19 -6.49
N GLU A 531 -5.73 -19.47 -7.73
CA GLU A 531 -6.17 -20.82 -8.07
C GLU A 531 -5.03 -21.81 -7.98
N ILE A 532 -3.79 -21.36 -8.23
CA ILE A 532 -2.63 -22.23 -8.09
C ILE A 532 -2.36 -22.49 -6.61
N PHE A 533 -2.36 -21.43 -5.80
CA PHE A 533 -2.09 -21.58 -4.38
C PHE A 533 -3.14 -22.44 -3.71
N GLN A 534 -4.40 -22.25 -4.08
CA GLN A 534 -5.49 -23.03 -3.48
C GLN A 534 -5.39 -24.49 -3.88
N GLU A 535 -4.96 -24.77 -5.12
CA GLU A 535 -4.87 -26.15 -5.57
C GLU A 535 -3.73 -26.88 -4.87
N THR A 536 -2.57 -26.23 -4.73
CA THR A 536 -1.45 -26.89 -4.06
C THR A 536 -1.73 -27.08 -2.57
N LEU A 537 -2.43 -26.12 -1.94
CA LEU A 537 -2.85 -26.31 -0.56
C LEU A 537 -3.67 -27.58 -0.40
N ALA A 538 -4.61 -27.81 -1.32
CA ALA A 538 -5.42 -29.02 -1.29
C ALA A 538 -4.57 -30.26 -1.56
N GLU A 539 -3.62 -30.16 -2.49
CA GLU A 539 -2.77 -31.30 -2.82
C GLU A 539 -1.91 -31.71 -1.63
N ASN A 540 -1.59 -30.78 -0.74
CA ASN A 540 -0.89 -31.10 0.50
C ASN A 540 -1.85 -31.38 1.65
N GLY A 541 -3.11 -31.66 1.36
CA GLY A 541 -4.06 -32.08 2.38
C GLY A 541 -4.39 -31.04 3.42
N MSE A 542 -4.43 -29.78 3.04
CA MSE A 542 -4.71 -28.71 4.00
C MSE A 542 -5.77 -27.74 3.51
O MSE A 542 -5.78 -26.57 3.89
CB MSE A 542 -3.44 -27.93 4.33
CG MSE A 542 -2.39 -28.75 5.03
SE MSE A 542 -0.85 -27.67 5.51
CE MSE A 542 -0.21 -27.27 3.72
N ALA A 543 -6.67 -28.24 2.65
CA ALA A 543 -7.70 -27.37 2.09
C ALA A 543 -8.63 -26.82 3.17
N HIS A 544 -8.80 -27.57 4.26
CA HIS A 544 -9.68 -27.15 5.36
C HIS A 544 -9.06 -26.06 6.23
N LEU A 545 -7.77 -25.77 6.08
CA LEU A 545 -7.10 -24.76 6.87
C LEU A 545 -7.04 -23.40 6.19
N ALA A 546 -7.72 -23.24 5.05
CA ALA A 546 -7.55 -22.03 4.25
C ALA A 546 -7.97 -20.78 5.01
N ASP A 547 -9.13 -20.83 5.67
CA ASP A 547 -9.59 -19.66 6.41
C ASP A 547 -8.80 -19.46 7.70
N SER A 548 -8.35 -20.56 8.33
CA SER A 548 -7.55 -20.41 9.54
C SER A 548 -6.19 -19.80 9.22
N PHE A 549 -5.58 -20.22 8.10
CA PHE A 549 -4.31 -19.62 7.70
C PHE A 549 -4.47 -18.12 7.44
N LEU A 550 -5.61 -17.72 6.86
CA LEU A 550 -5.86 -16.31 6.62
C LEU A 550 -5.93 -15.54 7.93
N LEU A 551 -6.76 -16.00 8.87
CA LEU A 551 -6.96 -15.26 10.10
C LEU A 551 -5.72 -15.29 11.00
N ALA A 552 -5.07 -16.45 11.11
CA ALA A 552 -3.93 -16.55 12.01
C ALA A 552 -2.75 -15.73 11.50
N SER A 553 -2.45 -15.84 10.20
CA SER A 553 -1.35 -15.04 9.65
C SER A 553 -1.70 -13.56 9.64
N GLY A 554 -2.99 -13.22 9.49
CA GLY A 554 -3.39 -11.83 9.49
C GLY A 554 -3.25 -11.18 10.86
N LYS A 555 -3.53 -11.93 11.92
CA LYS A 555 -3.29 -11.42 13.27
C LYS A 555 -1.82 -11.09 13.47
N LEU A 556 -0.92 -11.91 12.91
CA LEU A 556 0.51 -11.63 13.01
C LEU A 556 0.90 -10.46 12.11
N GLN A 557 0.30 -10.37 10.92
CA GLN A 557 0.58 -9.25 10.04
C GLN A 557 0.17 -7.92 10.67
N ALA A 558 -1.02 -7.88 11.28
CA ALA A 558 -1.46 -6.65 11.93
C ALA A 558 -0.55 -6.30 13.10
N LEU A 559 -0.01 -7.31 13.79
CA LEU A 559 0.94 -7.04 14.86
C LEU A 559 2.20 -6.36 14.32
N CYS A 560 2.66 -6.77 13.14
CA CYS A 560 3.86 -6.17 12.56
C CYS A 560 3.62 -4.73 12.12
N TYR A 561 2.45 -4.46 11.51
CA TYR A 561 2.16 -3.08 11.12
C TYR A 561 2.04 -2.18 12.34
N LYS A 562 1.39 -2.66 13.41
CA LYS A 562 1.35 -1.89 14.64
C LYS A 562 2.76 -1.56 15.12
N ALA A 563 3.69 -2.52 15.00
CA ALA A 563 5.06 -2.28 15.45
C ALA A 563 5.77 -1.26 14.56
N ASP A 564 5.56 -1.34 13.25
CA ASP A 564 6.21 -0.40 12.33
C ASP A 564 5.64 1.00 12.49
N ILE A 565 4.32 1.12 12.63
CA ILE A 565 3.68 2.43 12.71
C ILE A 565 4.01 3.13 14.02
N GLU A 566 3.95 2.39 15.14
CA GLU A 566 4.30 2.99 16.42
C GLU A 566 5.76 3.39 16.47
N ALA A 567 6.63 2.65 15.79
CA ALA A 567 8.04 3.05 15.74
C ALA A 567 8.20 4.37 15.02
N ALA A 568 7.43 4.60 13.95
CA ALA A 568 7.50 5.89 13.27
C ALA A 568 6.95 7.01 14.15
N LEU A 569 5.85 6.76 14.85
CA LEU A 569 5.27 7.77 15.72
C LEU A 569 6.15 8.07 16.94
N ARG A 570 7.00 7.13 17.35
CA ARG A 570 7.95 7.37 18.42
C ARG A 570 9.20 8.12 17.97
N THR A 571 9.33 8.39 16.68
CA THR A 571 10.50 9.09 16.15
C THR A 571 10.26 10.59 16.21
N LYS A 572 11.08 11.29 17.00
CA LYS A 572 10.88 12.72 17.24
C LYS A 572 11.03 13.53 15.95
N ASP A 573 10.01 14.34 15.65
CA ASP A 573 10.00 15.27 14.51
C ASP A 573 10.11 14.54 13.17
N PHE A 574 9.71 13.27 13.15
CA PHE A 574 9.61 12.55 11.89
C PHE A 574 8.61 13.24 10.97
N GLY A 575 8.94 13.29 9.67
CA GLY A 575 8.03 13.91 8.72
C GLY A 575 6.77 13.10 8.51
N GLY A 576 6.92 11.78 8.42
CA GLY A 576 5.78 10.91 8.20
C GLY A 576 6.22 9.58 7.62
N PHE A 577 5.23 8.77 7.27
CA PHE A 577 5.50 7.45 6.71
C PHE A 577 4.52 7.18 5.58
N GLN A 578 4.93 6.30 4.68
CA GLN A 578 4.10 5.83 3.57
C GLN A 578 4.05 4.31 3.60
N LEU A 579 2.91 3.76 4.00
CA LEU A 579 2.76 2.31 4.12
C LEU A 579 2.74 1.64 2.75
N LEU A 580 3.41 0.49 2.65
CA LEU A 580 3.25 -0.44 1.53
C LEU A 580 2.91 -1.80 2.14
N GLY A 581 1.63 -1.99 2.49
CA GLY A 581 0.61 -0.98 2.37
C GLY A 581 -0.64 -1.34 3.13
N LEU A 582 -1.68 -0.51 2.99
CA LEU A 582 -2.96 -0.84 3.59
C LEU A 582 -3.69 -1.91 2.78
N SER A 583 -3.62 -1.82 1.46
CA SER A 583 -4.25 -2.79 0.57
C SER A 583 -3.20 -3.72 -0.04
N ASP A 584 -3.68 -4.79 -0.66
CA ASP A 584 -2.79 -5.77 -1.26
C ASP A 584 -2.15 -5.25 -2.54
N PHE A 585 -0.99 -5.78 -2.85
CA PHE A 585 -0.32 -5.54 -4.12
C PHE A 585 -0.36 -6.81 -4.95
N PRO A 586 -1.21 -6.89 -5.98
CA PRO A 586 -1.42 -8.19 -6.65
C PRO A 586 -0.26 -8.64 -7.51
N GLY A 587 0.67 -7.75 -7.85
CA GLY A 587 1.76 -8.06 -8.76
C GLY A 587 3.08 -8.34 -8.07
N GLN A 588 4.15 -8.28 -8.85
CA GLN A 588 5.51 -8.56 -8.40
C GLN A 588 5.59 -9.88 -7.64
N GLY A 589 5.01 -10.91 -8.24
CA GLY A 589 5.05 -12.25 -7.68
C GLY A 589 3.86 -12.63 -6.82
N THR A 590 3.00 -11.65 -6.48
CA THR A 590 1.87 -11.69 -5.55
C THR A 590 2.33 -11.22 -4.17
N ALA A 591 2.24 -9.91 -3.92
CA ALA A 591 2.72 -9.31 -2.70
C ALA A 591 1.51 -8.89 -1.85
N LEU A 592 1.00 -9.85 -1.08
CA LEU A 592 -0.21 -9.66 -0.27
C LEU A 592 0.19 -8.99 1.04
N VAL A 593 0.44 -7.69 0.96
CA VAL A 593 1.05 -6.96 2.07
C VAL A 593 0.04 -6.06 2.78
N GLY A 594 -1.26 -6.26 2.55
CA GLY A 594 -2.27 -5.36 3.08
C GLY A 594 -3.26 -6.06 3.98
N VAL A 595 -3.84 -5.29 4.90
CA VAL A 595 -4.98 -5.77 5.68
C VAL A 595 -6.27 -5.67 4.89
N LEU A 596 -6.26 -4.98 3.76
CA LEU A 596 -7.36 -4.93 2.82
C LEU A 596 -6.94 -5.61 1.52
N ASP A 597 -7.90 -6.19 0.82
CA ASP A 597 -7.62 -6.89 -0.43
C ASP A 597 -7.36 -5.88 -1.54
N ALA A 598 -7.19 -6.37 -2.78
CA ALA A 598 -6.98 -5.49 -3.92
C ALA A 598 -8.18 -4.60 -4.22
N PHE A 599 -9.32 -4.83 -3.56
CA PHE A 599 -10.49 -3.98 -3.75
C PHE A 599 -10.65 -2.98 -2.60
N TRP A 600 -9.63 -2.82 -1.76
CA TRP A 600 -9.69 -1.94 -0.58
C TRP A 600 -10.83 -2.35 0.35
N GLU A 601 -11.08 -3.65 0.45
CA GLU A 601 -12.14 -4.21 1.28
C GLU A 601 -11.55 -5.12 2.34
N GLU A 602 -12.30 -5.34 3.41
CA GLU A 602 -11.75 -5.97 4.61
C GLU A 602 -11.62 -7.49 4.44
N LYS A 603 -10.71 -8.06 5.22
CA LYS A 603 -10.43 -9.49 5.21
C LYS A 603 -10.97 -10.23 6.42
N GLY A 604 -10.94 -9.62 7.61
CA GLY A 604 -11.65 -10.17 8.75
C GLY A 604 -10.83 -10.49 9.97
N TYR A 605 -9.59 -10.00 10.04
CA TYR A 605 -8.75 -10.22 11.20
C TYR A 605 -8.37 -8.95 11.95
N ILE A 606 -8.58 -7.78 11.37
CA ILE A 606 -8.44 -6.53 12.12
C ILE A 606 -9.50 -5.56 11.62
N ARG A 607 -10.21 -4.94 12.56
CA ARG A 607 -11.22 -3.95 12.24
C ARG A 607 -10.58 -2.57 12.11
N PRO A 608 -11.06 -1.73 11.18
CA PRO A 608 -10.48 -0.39 11.06
C PRO A 608 -10.46 0.40 12.36
N GLU A 609 -11.42 0.17 13.26
CA GLU A 609 -11.40 0.88 14.53
C GLU A 609 -10.21 0.48 15.39
N GLU A 610 -9.75 -0.77 15.27
CA GLU A 610 -8.58 -1.22 16.02
C GLU A 610 -7.29 -0.77 15.35
N TYR A 611 -7.26 -0.78 14.01
CA TYR A 611 -6.14 -0.18 13.29
C TYR A 611 -5.97 1.28 13.66
N ARG A 612 -7.09 2.02 13.75
CA ARG A 612 -7.08 3.44 14.08
C ARG A 612 -6.57 3.72 15.49
N ARG A 613 -6.40 2.69 16.33
CA ARG A 613 -5.94 2.93 17.69
C ARG A 613 -4.46 3.30 17.71
N PHE A 614 -3.64 2.62 16.91
CA PHE A 614 -2.22 2.93 16.84
C PHE A 614 -1.84 3.78 15.64
N CYS A 615 -2.78 4.03 14.73
CA CYS A 615 -2.53 4.84 13.54
C CYS A 615 -3.62 5.89 13.46
N ASN A 616 -3.33 7.09 13.94
CA ASN A 616 -4.34 8.13 14.08
C ASN A 616 -3.65 9.46 14.27
N SER A 617 -4.45 10.54 14.26
CA SER A 617 -3.90 11.87 14.49
C SER A 617 -3.45 12.07 15.93
N THR A 618 -3.94 11.25 16.86
CA THR A 618 -3.53 11.30 18.27
C THR A 618 -3.41 9.87 18.77
N VAL A 619 -2.19 9.46 19.10
CA VAL A 619 -1.91 8.07 19.45
C VAL A 619 -1.07 8.03 20.72
N PRO A 620 -1.58 7.46 21.83
CA PRO A 620 -0.72 7.20 22.98
C PRO A 620 0.30 6.11 22.67
N LEU A 621 1.51 6.28 23.19
CA LEU A 621 2.62 5.37 22.90
C LEU A 621 3.29 4.94 24.19
N LEU A 622 3.46 3.64 24.37
CA LEU A 622 4.07 3.05 25.55
C LEU A 622 5.44 2.49 25.17
N ARG A 623 6.46 2.85 25.94
CA ARG A 623 7.82 2.34 25.73
C ARG A 623 8.13 1.36 26.84
N LEU A 624 8.29 0.09 26.48
CA LEU A 624 8.68 -0.95 27.39
C LEU A 624 9.95 -1.64 26.90
N PRO A 625 10.90 -1.94 27.79
CA PRO A 625 12.11 -2.65 27.37
C PRO A 625 11.88 -4.11 27.05
N LYS A 626 10.84 -4.72 27.61
CA LYS A 626 10.47 -6.10 27.29
C LYS A 626 9.00 -6.27 27.57
N LEU A 627 8.46 -7.41 27.13
CA LEU A 627 7.05 -7.72 27.31
C LEU A 627 6.81 -9.02 28.06
N ILE A 628 7.86 -9.68 28.55
CA ILE A 628 7.74 -10.95 29.26
C ILE A 628 8.30 -10.76 30.66
N TYR A 629 7.45 -10.93 31.67
CA TYR A 629 7.82 -10.66 33.06
C TYR A 629 7.52 -11.88 33.93
N THR A 630 7.91 -11.79 35.19
CA THR A 630 7.56 -12.77 36.20
C THR A 630 6.82 -12.06 37.35
N ASN A 631 6.24 -12.84 38.26
N ASN A 631 6.26 -12.87 38.25
CA ASN A 631 5.50 -12.24 39.36
CA ASN A 631 5.56 -12.35 39.42
C ASN A 631 6.41 -11.44 40.30
C ASN A 631 6.43 -11.41 40.24
N GLN A 632 7.72 -11.62 40.20
N GLN A 632 7.74 -11.61 40.24
CA GLN A 632 8.67 -10.92 41.06
CA GLN A 632 8.63 -10.85 41.12
C GLN A 632 9.27 -9.69 40.41
C GLN A 632 9.28 -9.68 40.41
N GLU A 633 8.91 -9.40 39.17
CA GLU A 633 9.41 -8.23 38.45
C GLU A 633 8.42 -7.08 38.54
N THR A 634 8.88 -5.91 38.10
CA THR A 634 8.05 -4.71 38.09
C THR A 634 8.08 -4.09 36.70
N VAL A 635 6.90 -3.87 36.13
CA VAL A 635 6.80 -3.26 34.81
C VAL A 635 7.21 -1.79 34.93
N LYS A 636 8.33 -1.43 34.28
CA LYS A 636 8.82 -0.06 34.28
C LYS A 636 8.84 0.44 32.84
N GLY A 637 8.03 1.46 32.55
CA GLY A 637 7.93 2.01 31.22
C GLY A 637 7.52 3.47 31.27
N SER A 638 7.43 4.08 30.09
CA SER A 638 7.05 5.47 29.96
C SER A 638 5.90 5.59 28.97
N LEU A 639 5.09 6.63 29.16
CA LEU A 639 3.93 6.90 28.32
C LEU A 639 4.13 8.26 27.66
N GLU A 640 3.97 8.29 26.33
CA GLU A 640 4.06 9.53 25.56
C GLU A 640 2.91 9.56 24.55
N VAL A 641 2.81 10.66 23.82
CA VAL A 641 1.73 10.84 22.84
C VAL A 641 2.30 11.50 21.59
N ALA A 642 1.83 11.05 20.43
CA ALA A 642 2.06 11.71 19.14
C ALA A 642 0.75 12.36 18.73
N HIS A 643 0.62 13.66 19.01
CA HIS A 643 -0.61 14.40 18.79
C HIS A 643 -0.42 15.39 17.64
N PHE A 644 -1.03 15.09 16.50
CA PHE A 644 -1.04 15.98 15.34
C PHE A 644 -2.47 16.28 14.93
N GLY A 645 -3.27 16.77 15.87
CA GLY A 645 -4.62 17.20 15.61
C GLY A 645 -4.68 18.64 15.14
N ALA A 646 -5.91 19.14 15.03
CA ALA A 646 -6.11 20.49 14.50
C ALA A 646 -5.67 21.57 15.47
N ALA A 647 -5.62 21.25 16.76
CA ALA A 647 -5.31 22.22 17.80
C ALA A 647 -4.76 21.46 18.99
N PRO A 648 -4.08 22.14 19.92
CA PRO A 648 -3.63 21.48 21.13
C PRO A 648 -4.77 20.81 21.87
N LEU A 649 -4.47 19.66 22.46
CA LEU A 649 -5.46 18.85 23.18
C LEU A 649 -5.54 19.34 24.61
N GLU A 650 -6.69 19.93 24.98
CA GLU A 650 -6.86 20.51 26.31
C GLU A 650 -7.21 19.41 27.33
N VAL A 651 -6.28 18.48 27.49
CA VAL A 651 -6.40 17.37 28.43
C VAL A 651 -5.15 17.34 29.31
N THR A 652 -5.35 17.31 30.62
CA THR A 652 -4.24 17.29 31.56
C THR A 652 -4.17 15.99 32.34
N SER A 653 -4.78 14.92 31.83
CA SER A 653 -4.84 13.67 32.56
C SER A 653 -4.86 12.51 31.58
N THR A 654 -4.03 11.50 31.86
CA THR A 654 -4.01 10.25 31.12
C THR A 654 -4.27 9.10 32.09
N VAL A 655 -5.14 8.17 31.70
CA VAL A 655 -5.56 7.06 32.55
C VAL A 655 -5.09 5.76 31.93
N TRP A 656 -4.37 4.95 32.71
CA TRP A 656 -3.91 3.65 32.27
C TRP A 656 -4.49 2.57 33.16
N THR A 657 -4.72 1.39 32.57
CA THR A 657 -5.20 0.23 33.31
C THR A 657 -4.47 -1.01 32.84
N LEU A 658 -4.19 -1.91 33.78
CA LEU A 658 -3.65 -3.23 33.49
C LEU A 658 -4.72 -4.25 33.85
N LYS A 659 -5.30 -4.87 32.83
CA LYS A 659 -6.46 -5.73 33.03
C LYS A 659 -6.19 -7.11 32.46
N THR A 660 -6.94 -8.09 32.97
CA THR A 660 -6.84 -9.47 32.51
C THR A 660 -7.71 -9.66 31.26
N LYS A 661 -7.62 -10.86 30.68
CA LYS A 661 -8.45 -11.18 29.52
C LYS A 661 -9.93 -11.14 29.87
N GLU A 662 -10.28 -11.44 31.12
CA GLU A 662 -11.67 -11.43 31.56
C GLU A 662 -12.17 -10.03 31.91
N GLY A 663 -11.27 -9.05 32.01
CA GLY A 663 -11.65 -7.69 32.33
C GLY A 663 -11.30 -7.23 33.73
N LYS A 664 -10.88 -8.14 34.61
CA LYS A 664 -10.49 -7.77 35.97
C LYS A 664 -9.29 -6.84 35.92
N THR A 665 -9.38 -5.72 36.66
CA THR A 665 -8.31 -4.73 36.72
C THR A 665 -7.28 -5.16 37.77
N ILE A 666 -6.05 -5.36 37.34
CA ILE A 666 -4.95 -5.69 38.24
C ILE A 666 -4.26 -4.44 38.76
N ALA A 667 -4.17 -3.41 37.93
CA ALA A 667 -3.57 -2.15 38.34
C ALA A 667 -4.14 -1.03 37.48
N SER A 668 -4.05 0.19 38.00
CA SER A 668 -4.50 1.36 37.27
C SER A 668 -3.89 2.60 37.90
N GLY A 669 -3.90 3.69 37.16
CA GLY A 669 -3.35 4.94 37.65
C GLY A 669 -3.68 6.09 36.74
N THR A 670 -3.49 7.29 37.28
CA THR A 670 -3.73 8.54 36.56
C THR A 670 -2.44 9.31 36.46
N LEU A 671 -2.13 9.82 35.26
CA LEU A 671 -0.91 10.57 35.00
C LEU A 671 -1.28 12.03 34.77
N ALA A 672 -0.68 12.93 35.54
CA ALA A 672 -0.90 14.36 35.39
C ALA A 672 0.17 14.94 34.47
N HIS A 673 -0.25 15.85 33.60
CA HIS A 673 0.65 16.44 32.62
C HIS A 673 0.04 17.73 32.11
N GLN A 674 0.87 18.53 31.44
CA GLN A 674 0.39 19.77 30.84
C GLN A 674 -0.47 19.46 29.62
N PRO A 675 -1.23 20.43 29.12
CA PRO A 675 -2.01 20.21 27.89
C PRO A 675 -1.10 19.81 26.74
N VAL A 676 -1.61 18.93 25.89
CA VAL A 676 -0.82 18.33 24.82
C VAL A 676 -0.86 19.23 23.59
N GLY A 677 0.31 19.72 23.18
CA GLY A 677 0.44 20.50 21.96
C GLY A 677 0.66 19.64 20.73
N ILE A 678 0.82 20.31 19.59
CA ILE A 678 1.04 19.61 18.32
C ILE A 678 2.48 19.12 18.27
N GLY A 679 2.65 17.82 18.23
CA GLY A 679 3.97 17.22 18.14
C GLY A 679 3.93 15.80 18.67
N ASN A 680 5.09 15.15 18.60
CA ASN A 680 5.23 13.79 19.11
C ASN A 680 6.33 13.75 20.17
N CYS A 681 6.48 12.57 20.78
CA CYS A 681 7.41 12.39 21.89
C CYS A 681 7.08 13.35 23.03
N ILE A 682 5.79 13.58 23.25
CA ILE A 682 5.33 14.45 24.32
C ILE A 682 5.13 13.57 25.57
N PRO A 683 5.92 13.78 26.62
CA PRO A 683 5.83 12.88 27.78
C PRO A 683 4.51 13.02 28.52
N LEU A 684 3.99 11.88 28.97
CA LEU A 684 2.77 11.85 29.78
C LEU A 684 3.01 11.34 31.19
N GLY A 685 3.91 10.41 31.39
CA GLY A 685 4.22 9.93 32.73
C GLY A 685 5.02 8.65 32.68
N GLN A 686 5.42 8.22 33.88
CA GLN A 686 6.17 6.98 34.06
C GLN A 686 5.28 5.92 34.69
N LEU A 687 5.55 4.67 34.34
CA LEU A 687 4.84 3.53 34.88
C LEU A 687 5.77 2.70 35.74
N GLU A 688 5.26 2.24 36.88
CA GLU A 688 5.99 1.32 37.74
C GLU A 688 4.94 0.42 38.39
N ILE A 689 4.75 -0.76 37.82
CA ILE A 689 3.65 -1.66 38.15
C ILE A 689 4.24 -2.94 38.77
N PRO A 690 4.07 -3.17 40.06
CA PRO A 690 4.45 -4.46 40.64
C PRO A 690 3.48 -5.55 40.21
N LEU A 691 4.01 -6.77 40.06
CA LEU A 691 3.23 -7.88 39.54
C LEU A 691 3.08 -9.02 40.54
N ASP A 692 3.28 -8.75 41.83
CA ASP A 692 3.25 -9.84 42.81
C ASP A 692 1.85 -10.42 42.97
N LYS A 693 0.82 -9.60 42.81
CA LYS A 693 -0.56 -10.06 42.97
C LYS A 693 -1.11 -10.78 41.76
N VAL A 694 -0.35 -10.84 40.65
CA VAL A 694 -0.82 -11.52 39.44
C VAL A 694 -0.64 -13.02 39.64
N ASP A 695 -1.75 -13.75 39.73
CA ASP A 695 -1.74 -15.19 39.94
C ASP A 695 -1.83 -15.91 38.60
N VAL A 696 -1.15 -17.06 38.51
CA VAL A 696 -1.23 -17.98 37.37
C VAL A 696 -0.56 -17.33 36.15
N PRO A 697 -0.12 -18.12 35.16
CA PRO A 697 0.36 -17.52 33.90
C PRO A 697 -0.75 -16.73 33.22
N SER A 698 -0.49 -15.44 33.01
CA SER A 698 -1.51 -14.53 32.52
C SER A 698 -0.99 -13.67 31.39
N CYS A 699 -1.90 -13.37 30.46
CA CYS A 699 -1.68 -12.34 29.44
C CYS A 699 -2.50 -11.12 29.85
N LEU A 700 -1.81 -10.00 30.07
CA LEU A 700 -2.43 -8.78 30.54
C LEU A 700 -2.40 -7.72 29.45
N THR A 701 -3.41 -6.85 29.47
CA THR A 701 -3.53 -5.77 28.50
C THR A 701 -3.33 -4.45 29.23
N LEU A 702 -2.34 -3.68 28.78
CA LEU A 702 -2.07 -2.35 29.31
C LEU A 702 -2.64 -1.32 28.34
N GLU A 703 -3.72 -0.66 28.74
CA GLU A 703 -4.39 0.33 27.92
C GLU A 703 -4.18 1.72 28.50
N ALA A 704 -3.91 2.68 27.62
CA ALA A 704 -3.72 4.09 28.01
C ALA A 704 -4.71 4.94 27.23
N THR A 705 -5.44 5.80 27.94
CA THR A 705 -6.49 6.62 27.34
C THR A 705 -6.19 8.09 27.58
N LEU A 706 -5.98 8.82 26.48
CA LEU A 706 -5.78 10.27 26.53
C LEU A 706 -6.97 10.91 25.84
N GLY A 707 -7.86 11.47 26.64
CA GLY A 707 -9.07 12.07 26.08
C GLY A 707 -9.94 11.02 25.42
N ASP A 708 -10.16 11.18 24.11
CA ASP A 708 -10.97 10.23 23.35
C ASP A 708 -10.14 9.14 22.68
N TYR A 709 -8.82 9.16 22.83
CA TYR A 709 -7.93 8.27 22.11
C TYR A 709 -7.35 7.24 23.07
N ALA A 710 -7.43 5.96 22.69
CA ALA A 710 -6.93 4.87 23.51
C ALA A 710 -6.10 3.93 22.68
N ASN A 711 -5.04 3.40 23.27
CA ASN A 711 -4.18 2.40 22.66
C ASN A 711 -3.78 1.39 23.73
N SER A 712 -3.47 0.17 23.32
CA SER A 712 -3.23 -0.91 24.25
C SER A 712 -2.06 -1.76 23.79
N TRP A 713 -1.45 -2.45 24.76
CA TRP A 713 -0.32 -3.34 24.53
C TRP A 713 -0.50 -4.60 25.38
N HIS A 714 0.16 -5.68 24.98
CA HIS A 714 0.10 -6.94 25.70
C HIS A 714 1.41 -7.22 26.41
N ILE A 715 1.33 -7.71 27.64
CA ILE A 715 2.47 -8.27 28.35
C ILE A 715 2.07 -9.66 28.85
N TRP A 716 3.08 -10.45 29.22
CA TRP A 716 2.87 -11.79 29.74
C TRP A 716 3.62 -11.94 31.05
N VAL A 717 2.92 -12.40 32.08
CA VAL A 717 3.47 -12.58 33.42
C VAL A 717 3.39 -14.06 33.78
N TYR A 718 4.52 -14.63 34.19
CA TYR A 718 4.64 -16.04 34.52
C TYR A 718 5.13 -16.19 35.95
N PRO A 719 4.98 -17.38 36.55
CA PRO A 719 5.58 -17.62 37.86
C PRO A 719 7.09 -17.46 37.83
N ALA A 720 7.64 -17.09 38.98
CA ALA A 720 9.09 -16.86 39.08
C ALA A 720 9.86 -18.15 38.81
N ALA A 721 9.61 -19.18 39.60
CA ALA A 721 10.27 -20.48 39.40
C ALA A 721 9.29 -21.53 38.92
N VAL A 725 7.33 -31.04 37.49
CA VAL A 725 6.73 -32.18 36.81
C VAL A 725 7.78 -33.05 36.13
N ALA A 726 8.98 -33.07 36.68
CA ALA A 726 10.12 -33.68 36.01
C ALA A 726 10.75 -34.75 36.90
N ASP A 727 10.98 -35.93 36.30
CA ASP A 727 11.83 -36.96 36.87
C ASP A 727 12.21 -37.86 35.71
N GLU A 728 13.50 -37.88 35.35
CA GLU A 728 13.99 -38.55 34.14
C GLU A 728 13.35 -39.92 33.95
N ALA A 729 13.01 -40.60 35.06
CA ALA A 729 12.30 -41.87 34.97
C ALA A 729 10.95 -41.69 34.30
N GLN A 730 10.20 -40.66 34.71
CA GLN A 730 8.88 -40.42 34.13
C GLN A 730 8.98 -39.76 32.76
N LEU A 731 9.76 -38.69 32.66
CA LEU A 731 9.90 -37.94 31.41
C LEU A 731 11.37 -37.80 31.08
N LEU A 732 11.78 -38.34 29.93
CA LEU A 732 13.15 -38.22 29.44
C LEU A 732 13.18 -37.15 28.37
N MSE A 733 13.99 -36.12 28.57
CA MSE A 733 14.18 -35.11 27.54
C MSE A 733 15.57 -35.26 26.94
O MSE A 733 16.57 -35.36 27.66
CB MSE A 733 13.99 -33.71 28.11
CG MSE A 733 14.11 -32.61 27.06
SE MSE A 733 13.87 -30.81 27.78
CE MSE A 733 15.02 -29.85 26.55
N THR A 734 15.65 -35.30 25.60
CA THR A 734 16.91 -35.56 24.92
C THR A 734 16.93 -34.77 23.62
N ASP A 735 18.13 -34.65 23.04
CA ASP A 735 18.30 -33.98 21.76
C ASP A 735 18.45 -34.94 20.59
N ARG A 736 18.76 -36.21 20.85
CA ARG A 736 18.84 -37.22 19.81
C ARG A 736 18.15 -38.49 20.28
N LEU A 737 17.67 -39.29 19.32
CA LEU A 737 17.05 -40.57 19.62
C LEU A 737 18.16 -41.62 19.69
N ASP A 738 18.87 -41.61 20.82
CA ASP A 738 20.04 -42.45 21.04
C ASP A 738 19.60 -43.78 21.66
N ALA A 739 20.56 -44.52 22.23
CA ALA A 739 20.25 -45.80 22.84
C ALA A 739 19.34 -45.62 24.05
N LYS A 740 19.63 -44.64 24.90
CA LYS A 740 18.82 -44.42 26.09
C LYS A 740 17.40 -44.01 25.72
N ALA A 741 17.23 -43.20 24.67
CA ALA A 741 15.90 -42.76 24.28
C ALA A 741 15.11 -43.90 23.64
N LEU A 742 15.75 -44.65 22.73
CA LEU A 742 15.05 -45.74 22.06
C LEU A 742 14.68 -46.86 23.04
N GLN A 743 15.53 -47.10 24.04
CA GLN A 743 15.20 -48.09 25.06
C GLN A 743 14.01 -47.64 25.89
N ARG A 744 13.93 -46.35 26.23
CA ARG A 744 12.80 -45.86 27.01
C ARG A 744 11.49 -46.04 26.25
N LEU A 745 11.51 -45.86 24.93
CA LEU A 745 10.30 -46.06 24.14
C LEU A 745 9.93 -47.54 24.05
N GLN A 746 10.93 -48.43 23.98
CA GLN A 746 10.62 -49.85 24.02
C GLN A 746 10.04 -50.27 25.36
N GLU A 747 10.44 -49.59 26.44
CA GLU A 747 9.91 -49.86 27.77
C GLU A 747 8.53 -49.27 28.01
N GLY A 748 8.06 -48.40 27.12
CA GLY A 748 6.76 -47.77 27.29
C GLY A 748 6.77 -46.42 27.95
N GLY A 749 7.94 -45.79 28.07
CA GLY A 749 8.05 -44.51 28.75
C GLY A 749 7.83 -43.33 27.82
N ASN A 750 7.87 -42.14 28.41
CA ASN A 750 7.62 -40.89 27.72
C ASN A 750 8.94 -40.19 27.44
N VAL A 751 9.10 -39.71 26.20
CA VAL A 751 10.32 -39.04 25.77
C VAL A 751 9.96 -37.73 25.09
N LEU A 752 10.67 -36.67 25.43
CA LEU A 752 10.51 -35.35 24.83
C LEU A 752 11.76 -35.04 24.00
N LEU A 753 11.61 -35.01 22.69
CA LEU A 753 12.72 -34.73 21.78
C LEU A 753 12.74 -33.24 21.45
N SER A 754 13.78 -32.56 21.90
CA SER A 754 13.99 -31.14 21.61
C SER A 754 15.23 -31.02 20.73
N LEU A 755 15.04 -30.63 19.48
CA LEU A 755 16.14 -30.56 18.53
C LEU A 755 16.96 -29.29 18.75
N ARG A 756 18.28 -29.44 18.70
CA ARG A 756 19.15 -28.28 18.78
C ARG A 756 18.94 -27.37 17.58
N LYS A 757 18.94 -26.07 17.82
CA LYS A 757 18.70 -25.12 16.73
C LYS A 757 19.80 -25.24 15.69
N GLY A 758 19.40 -25.37 14.43
CA GLY A 758 20.33 -25.56 13.34
C GLY A 758 20.67 -27.00 13.03
N SER A 759 20.25 -27.95 13.87
CA SER A 759 20.56 -29.35 13.64
C SER A 759 19.58 -30.02 12.69
N LEU A 760 18.42 -29.41 12.47
CA LEU A 760 17.40 -30.00 11.61
C LEU A 760 17.91 -30.05 10.17
N PRO A 761 18.05 -31.23 9.57
CA PRO A 761 18.57 -31.31 8.20
C PRO A 761 17.57 -30.77 7.20
N ALA A 762 18.08 -30.48 6.01
CA ALA A 762 17.27 -29.82 4.98
C ALA A 762 16.10 -30.68 4.55
N GLU A 763 16.27 -32.01 4.57
CA GLU A 763 15.21 -32.92 4.15
C GLU A 763 13.98 -32.81 5.05
N ALA A 764 14.19 -32.62 6.35
CA ALA A 764 13.10 -32.60 7.32
C ALA A 764 12.56 -31.21 7.58
N GLY A 765 13.08 -30.19 6.90
CA GLY A 765 12.56 -28.85 7.07
C GLY A 765 13.60 -27.81 7.41
N GLY A 766 14.87 -28.20 7.40
CA GLY A 766 15.93 -27.24 7.64
C GLY A 766 15.99 -26.14 6.61
N GLU A 767 15.52 -26.40 5.39
N GLU A 767 15.53 -26.41 5.38
CA GLU A 767 15.51 -25.40 4.33
CA GLU A 767 15.50 -25.38 4.35
C GLU A 767 14.53 -24.26 4.63
C GLU A 767 14.63 -24.20 4.76
N VAL A 768 13.58 -24.45 5.55
CA VAL A 768 12.61 -23.42 5.89
C VAL A 768 13.23 -22.49 6.92
N VAL A 769 13.53 -21.26 6.51
CA VAL A 769 14.09 -20.25 7.42
C VAL A 769 12.92 -19.64 8.19
N ILE A 770 12.66 -20.15 9.37
CA ILE A 770 11.52 -19.71 10.18
C ILE A 770 11.92 -18.48 10.96
N GLY A 771 10.96 -17.56 11.14
CA GLY A 771 11.17 -16.36 11.92
C GLY A 771 9.87 -15.91 12.54
N PHE A 772 9.95 -14.86 13.35
CA PHE A 772 8.77 -14.39 14.07
C PHE A 772 7.85 -13.56 13.18
N SER A 773 8.39 -12.65 12.39
CA SER A 773 7.56 -11.75 11.59
C SER A 773 6.96 -12.48 10.40
N SER A 774 6.14 -11.77 9.63
CA SER A 774 5.58 -12.31 8.41
C SER A 774 6.59 -12.21 7.28
N ILE A 775 6.25 -12.83 6.15
CA ILE A 775 7.10 -12.76 4.98
C ILE A 775 7.19 -11.31 4.51
N PHE A 776 8.34 -10.96 3.94
CA PHE A 776 8.60 -9.61 3.45
C PHE A 776 8.32 -9.56 1.95
N TRP A 777 7.43 -8.64 1.56
CA TRP A 777 6.99 -8.45 0.18
C TRP A 777 6.40 -9.74 -0.41
N ASN A 778 7.27 -10.68 -0.77
CA ASN A 778 6.91 -12.05 -1.14
C ASN A 778 8.16 -12.80 -1.54
N THR A 779 8.23 -14.09 -1.22
CA THR A 779 9.45 -14.86 -1.48
C THR A 779 9.78 -14.97 -2.95
N ALA A 780 8.84 -14.66 -3.84
CA ALA A 780 9.14 -14.73 -5.28
C ALA A 780 9.98 -13.54 -5.72
N TRP A 781 9.52 -12.32 -5.40
CA TRP A 781 10.25 -11.13 -5.81
C TRP A 781 11.58 -11.01 -5.06
N THR A 782 11.62 -11.40 -3.79
CA THR A 782 12.85 -11.34 -3.00
C THR A 782 13.77 -12.53 -3.21
N LEU A 783 13.38 -13.48 -4.07
CA LEU A 783 14.15 -14.70 -4.31
C LEU A 783 14.51 -15.42 -3.01
N GLY A 784 13.57 -15.46 -2.08
CA GLY A 784 13.69 -16.30 -0.91
C GLY A 784 14.22 -15.64 0.34
N GLN A 785 13.96 -14.35 0.54
CA GLN A 785 14.42 -13.72 1.77
C GLN A 785 13.63 -14.23 2.97
N ALA A 786 14.29 -14.25 4.12
CA ALA A 786 13.69 -14.74 5.35
C ALA A 786 12.78 -13.69 5.96
N PRO A 787 11.77 -14.10 6.75
CA PRO A 787 11.35 -15.48 7.03
C PRO A 787 10.55 -16.10 5.89
N HIS A 788 10.35 -17.41 5.96
CA HIS A 788 9.53 -18.13 4.99
C HIS A 788 8.19 -18.55 5.60
N THR A 789 7.86 -18.06 6.79
CA THR A 789 6.70 -18.50 7.56
C THR A 789 5.72 -17.35 7.74
N LEU A 790 4.52 -17.70 8.20
CA LEU A 790 3.42 -16.75 8.34
C LEU A 790 2.71 -16.97 9.67
N GLY A 791 3.48 -17.13 10.74
CA GLY A 791 2.91 -17.31 12.07
C GLY A 791 2.58 -18.76 12.37
N ILE A 792 1.94 -18.94 13.52
CA ILE A 792 1.56 -20.26 14.00
C ILE A 792 0.06 -20.44 13.89
N LEU A 793 -0.39 -21.67 14.14
CA LEU A 793 -1.81 -22.00 14.23
C LEU A 793 -1.95 -23.12 15.24
N CYS A 794 -2.71 -22.89 16.30
CA CYS A 794 -2.83 -23.88 17.36
C CYS A 794 -4.21 -23.78 18.00
N ASN A 795 -4.53 -24.80 18.80
CA ASN A 795 -5.76 -24.79 19.58
C ASN A 795 -5.41 -24.47 21.01
N PRO A 796 -5.79 -23.31 21.55
CA PRO A 796 -5.44 -22.99 22.94
C PRO A 796 -6.02 -23.97 23.94
N ALA A 797 -7.15 -24.61 23.62
CA ALA A 797 -7.76 -25.58 24.52
C ALA A 797 -7.01 -26.91 24.54
N HIS A 798 -5.94 -27.05 23.76
CA HIS A 798 -5.15 -28.26 23.82
C HIS A 798 -4.48 -28.37 25.19
N PRO A 799 -4.50 -29.55 25.81
CA PRO A 799 -3.90 -29.68 27.15
C PRO A 799 -2.40 -29.44 27.18
N ALA A 800 -1.70 -29.55 26.04
CA ALA A 800 -0.27 -29.27 26.03
C ALA A 800 0.03 -27.80 26.24
N LEU A 801 -0.94 -26.91 26.04
CA LEU A 801 -0.78 -25.49 26.21
C LEU A 801 -1.56 -24.94 27.40
N SER A 802 -1.90 -25.80 28.36
CA SER A 802 -2.76 -25.38 29.47
C SER A 802 -2.06 -24.38 30.39
N GLU A 803 -0.73 -24.41 30.44
CA GLU A 803 0.03 -23.49 31.27
C GLU A 803 0.72 -22.40 30.46
N PHE A 804 0.35 -22.23 29.19
CA PHE A 804 0.99 -21.27 28.30
C PHE A 804 -0.09 -20.41 27.63
N PRO A 805 -0.40 -19.24 28.19
CA PRO A 805 -1.48 -18.41 27.63
C PRO A 805 -1.21 -18.02 26.19
N THR A 806 -2.22 -18.19 25.34
CA THR A 806 -2.09 -17.90 23.92
C THR A 806 -3.46 -17.94 23.28
N GLU A 807 -3.57 -17.28 22.12
CA GLU A 807 -4.70 -17.43 21.23
C GLU A 807 -4.33 -18.43 20.15
N TYR A 808 -5.20 -18.60 19.16
CA TYR A 808 -4.87 -19.53 18.09
C TYR A 808 -3.79 -19.00 17.16
N TYR A 809 -3.46 -17.72 17.25
CA TYR A 809 -2.53 -17.07 16.35
C TYR A 809 -1.27 -16.63 17.09
N SER A 810 -0.28 -16.21 16.30
CA SER A 810 1.02 -15.82 16.83
C SER A 810 0.96 -14.44 17.47
N ASP A 811 1.76 -14.25 18.51
CA ASP A 811 1.90 -12.98 19.21
C ASP A 811 3.30 -12.92 19.81
N TYR A 812 3.58 -11.87 20.59
CA TYR A 812 4.95 -11.62 21.04
C TYR A 812 5.47 -12.70 21.96
N GLN A 813 4.59 -13.38 22.70
CA GLN A 813 5.06 -14.47 23.56
C GLN A 813 5.51 -15.68 22.75
N TRP A 814 5.25 -15.71 21.45
CA TRP A 814 5.72 -16.77 20.57
C TRP A 814 7.01 -16.39 19.85
N TRP A 815 7.56 -15.20 20.10
CA TRP A 815 8.81 -14.82 19.45
C TRP A 815 9.93 -15.80 19.79
N ASP A 816 10.03 -16.21 21.04
CA ASP A 816 11.06 -17.16 21.45
C ASP A 816 10.94 -18.48 20.69
N ALA A 817 9.72 -18.99 20.55
CA ALA A 817 9.53 -20.24 19.81
C ALA A 817 9.99 -20.10 18.36
N MSE A 818 9.61 -19.01 17.69
CA MSE A 818 9.95 -18.83 16.27
C MSE A 818 11.44 -18.54 16.05
O MSE A 818 11.97 -18.80 14.97
CB MSE A 818 9.11 -17.70 15.66
CG MSE A 818 7.60 -17.86 15.84
SE MSE A 818 6.88 -19.43 14.97
CE MSE A 818 6.73 -18.81 13.14
N SER A 819 12.09 -17.99 17.08
CA SER A 819 13.48 -17.58 16.98
C SER A 819 14.47 -18.67 17.39
N HIS A 820 14.03 -19.67 18.15
CA HIS A 820 14.94 -20.70 18.61
C HIS A 820 14.50 -22.08 18.13
N SER A 821 14.14 -22.20 16.86
CA SER A 821 13.54 -23.45 16.40
C SER A 821 13.76 -23.64 14.91
N GLY A 822 13.36 -24.82 14.45
CA GLY A 822 13.18 -25.07 13.03
C GLY A 822 11.83 -25.71 12.80
N ALA A 823 11.31 -25.51 11.58
CA ALA A 823 10.02 -26.06 11.20
C ALA A 823 10.20 -27.46 10.61
N ILE A 824 9.44 -28.42 11.14
CA ILE A 824 9.57 -29.82 10.75
C ILE A 824 8.49 -30.15 9.72
N GLU A 825 8.91 -30.71 8.58
CA GLU A 825 7.99 -31.13 7.52
C GLU A 825 7.43 -32.49 7.91
N VAL A 826 6.28 -32.47 8.59
CA VAL A 826 5.76 -33.68 9.22
C VAL A 826 5.26 -34.70 8.20
N VAL A 827 4.99 -34.29 6.96
CA VAL A 827 4.54 -35.25 5.96
C VAL A 827 5.64 -36.27 5.67
N LYS A 828 6.90 -35.86 5.77
CA LYS A 828 8.02 -36.78 5.57
C LYS A 828 8.14 -37.80 6.70
N ILE A 829 7.32 -37.72 7.74
CA ILE A 829 7.27 -38.70 8.81
C ILE A 829 5.97 -39.50 8.77
N ASP A 830 4.83 -38.81 8.69
CA ASP A 830 3.52 -39.44 8.51
C ASP A 830 2.57 -38.38 7.98
N LYS A 831 1.93 -38.65 6.85
CA LYS A 831 1.12 -37.62 6.20
C LYS A 831 -0.15 -37.29 6.96
N ASN A 832 -0.57 -38.13 7.91
CA ASN A 832 -1.78 -37.88 8.70
C ASN A 832 -1.46 -37.34 10.08
N LEU A 833 -0.33 -36.66 10.23
CA LEU A 833 0.14 -36.21 11.53
C LEU A 833 -0.49 -34.86 11.86
N GLN A 834 -1.12 -34.77 13.05
CA GLN A 834 -1.79 -33.55 13.47
C GLN A 834 -0.88 -32.76 14.40
N PRO A 835 -0.40 -31.58 14.02
CA PRO A 835 0.53 -30.85 14.87
C PRO A 835 -0.14 -30.23 16.09
N ILE A 836 0.57 -30.23 17.21
CA ILE A 836 0.12 -29.50 18.39
C ILE A 836 0.17 -28.00 18.13
N VAL A 837 1.29 -27.52 17.62
CA VAL A 837 1.46 -26.14 17.18
C VAL A 837 1.94 -26.20 15.74
N ARG A 838 1.10 -25.76 14.82
CA ARG A 838 1.42 -25.77 13.40
C ARG A 838 2.04 -24.44 12.99
N VAL A 839 2.92 -24.49 12.00
CA VAL A 839 3.51 -23.31 11.40
C VAL A 839 2.91 -23.13 10.01
N ILE A 840 2.52 -21.90 9.69
CA ILE A 840 1.92 -21.60 8.39
C ILE A 840 3.03 -21.33 7.38
N ASP A 841 3.11 -22.15 6.36
CA ASP A 841 4.18 -22.05 5.37
C ASP A 841 3.82 -21.04 4.28
N ASP A 842 4.86 -20.54 3.62
CA ASP A 842 4.72 -19.72 2.42
C ASP A 842 3.73 -20.36 1.45
N TRP A 843 2.82 -19.54 0.90
CA TRP A 843 1.79 -20.06 0.02
C TRP A 843 2.33 -20.57 -1.31
N PHE A 844 3.60 -20.27 -1.65
CA PHE A 844 4.16 -20.79 -2.90
C PHE A 844 4.49 -22.28 -2.78
N THR A 845 4.78 -22.74 -1.57
CA THR A 845 5.14 -24.13 -1.34
C THR A 845 4.07 -24.94 -0.62
N ASN A 846 3.34 -24.33 0.32
CA ASN A 846 2.26 -25.00 1.07
C ASN A 846 2.73 -26.31 1.68
N ARG A 847 3.83 -26.24 2.40
CA ARG A 847 4.38 -27.41 3.09
C ARG A 847 3.80 -27.51 4.49
N PRO A 848 3.29 -28.66 4.89
CA PRO A 848 2.88 -28.84 6.30
C PRO A 848 4.07 -28.73 7.23
N LEU A 849 4.03 -27.73 8.11
CA LEU A 849 5.12 -27.48 9.05
C LEU A 849 4.59 -27.54 10.47
N ALA A 850 5.47 -27.89 11.41
CA ALA A 850 5.07 -28.02 12.80
C ALA A 850 6.25 -27.70 13.71
N LEU A 851 5.95 -27.07 14.84
CA LEU A 851 6.90 -26.90 15.93
C LEU A 851 6.77 -27.97 17.00
N LEU A 852 5.56 -28.46 17.22
CA LEU A 852 5.29 -29.49 18.23
C LEU A 852 4.33 -30.52 17.65
N PHE A 853 4.65 -31.79 17.85
CA PHE A 853 3.72 -32.87 17.52
C PHE A 853 4.08 -34.08 18.38
N GLU A 854 3.18 -35.07 18.37
CA GLU A 854 3.36 -36.27 19.17
C GLU A 854 3.13 -37.51 18.31
N VAL A 855 3.96 -38.53 18.51
CA VAL A 855 3.82 -39.81 17.82
C VAL A 855 3.93 -40.93 18.86
N LYS A 856 3.56 -42.12 18.43
CA LYS A 856 3.64 -43.31 19.27
C LYS A 856 4.66 -44.25 18.64
N VAL A 857 5.76 -44.48 19.34
CA VAL A 857 6.82 -45.36 18.86
C VAL A 857 6.79 -46.65 19.67
N GLY A 858 6.07 -47.65 19.18
CA GLY A 858 5.92 -48.88 19.93
C GLY A 858 4.99 -48.68 21.10
N LYS A 859 5.42 -49.13 22.28
CA LYS A 859 4.65 -48.94 23.49
C LYS A 859 4.86 -47.57 24.12
N GLY A 860 5.88 -46.82 23.68
CA GLY A 860 6.21 -45.55 24.27
C GLY A 860 5.62 -44.37 23.52
N LYS A 861 5.59 -43.23 24.20
CA LYS A 861 5.05 -41.98 23.67
C LYS A 861 6.16 -40.96 23.49
N LEU A 862 6.16 -40.30 22.34
CA LEU A 862 7.21 -39.34 22.00
C LEU A 862 6.59 -38.02 21.58
N LEU A 863 7.01 -36.93 22.22
CA LEU A 863 6.62 -35.58 21.84
C LEU A 863 7.83 -34.91 21.20
N VAL A 864 7.71 -34.58 19.91
CA VAL A 864 8.81 -34.01 19.15
C VAL A 864 8.66 -32.49 19.13
N SER A 865 9.75 -31.78 19.40
CA SER A 865 9.77 -30.33 19.44
C SER A 865 10.86 -29.80 18.52
N GLY A 866 10.46 -29.02 17.52
CA GLY A 866 11.44 -28.25 16.77
C GLY A 866 12.04 -27.09 17.53
N ILE A 867 11.45 -26.73 18.67
CA ILE A 867 11.97 -25.65 19.49
C ILE A 867 13.13 -26.17 20.33
N ASP A 868 14.24 -25.43 20.32
CA ASP A 868 15.40 -25.72 21.16
C ASP A 868 15.07 -25.28 22.58
N PHE A 869 14.91 -26.24 23.49
CA PHE A 869 14.67 -25.93 24.89
C PHE A 869 15.93 -26.08 25.73
N TRP A 870 17.09 -25.85 25.13
CA TRP A 870 18.37 -26.07 25.80
C TRP A 870 19.09 -24.76 26.11
N GLN A 871 19.37 -23.95 25.09
CA GLN A 871 20.31 -22.84 25.23
C GLN A 871 19.66 -21.63 25.92
N ASP A 872 20.43 -21.02 26.84
CA ASP A 872 20.09 -19.73 27.42
C ASP A 872 18.71 -19.74 28.07
N MSE A 873 18.36 -20.86 28.70
CA MSE A 873 17.01 -21.00 29.25
C MSE A 873 16.78 -20.12 30.47
O MSE A 873 15.63 -19.90 30.86
CB MSE A 873 16.74 -22.46 29.59
CG MSE A 873 16.50 -23.32 28.36
SE MSE A 873 14.84 -22.86 27.45
CE MSE A 873 13.57 -23.76 28.62
N ASP A 874 17.85 -19.61 31.08
CA ASP A 874 17.66 -18.69 32.20
C ASP A 874 17.21 -17.32 31.72
N LYS A 875 17.58 -16.93 30.50
CA LYS A 875 17.13 -15.68 29.92
C LYS A 875 15.80 -15.81 29.20
N ARG A 876 15.32 -17.03 28.95
CA ARG A 876 14.12 -17.27 28.16
C ARG A 876 12.98 -17.65 29.10
N THR A 877 12.39 -16.65 29.75
CA THR A 877 11.31 -16.92 30.69
C THR A 877 10.14 -17.58 30.00
N GLU A 878 9.77 -17.09 28.81
CA GLU A 878 8.63 -17.64 28.08
C GLU A 878 8.90 -19.05 27.58
N ALA A 879 10.17 -19.38 27.28
CA ALA A 879 10.48 -20.74 26.86
C ALA A 879 10.37 -21.72 28.03
N ARG A 880 10.82 -21.31 29.22
CA ARG A 880 10.67 -22.17 30.38
C ARG A 880 9.20 -22.46 30.67
N GLN A 881 8.33 -21.47 30.46
CA GLN A 881 6.91 -21.67 30.70
C GLN A 881 6.32 -22.66 29.73
N LEU A 882 6.63 -22.53 28.43
CA LEU A 882 6.14 -23.48 27.46
C LEU A 882 6.63 -24.89 27.74
N LEU A 883 7.90 -25.03 28.14
CA LEU A 883 8.43 -26.35 28.47
C LEU A 883 7.71 -26.92 29.68
N TYR A 884 7.41 -26.09 30.68
CA TYR A 884 6.65 -26.59 31.83
C TYR A 884 5.25 -27.04 31.42
N SER A 885 4.60 -26.29 30.52
CA SER A 885 3.27 -26.67 30.06
C SER A 885 3.30 -28.00 29.33
N LEU A 886 4.35 -28.25 28.55
CA LEU A 886 4.49 -29.53 27.87
C LEU A 886 4.76 -30.66 28.86
N LYS A 887 5.64 -30.43 29.85
CA LYS A 887 5.98 -31.48 30.80
C LYS A 887 4.78 -31.84 31.67
N LYS A 888 4.01 -30.85 32.11
CA LYS A 888 2.81 -31.14 32.87
C LYS A 888 1.79 -31.92 32.03
N TYR A 889 1.78 -31.67 30.73
CA TYR A 889 0.88 -32.39 29.83
C TYR A 889 1.32 -33.83 29.65
N MSE A 890 2.61 -34.06 29.42
CA MSE A 890 3.12 -35.40 29.21
C MSE A 890 2.97 -36.27 30.45
O MSE A 890 2.64 -37.44 30.36
CB MSE A 890 4.59 -35.34 28.78
CG MSE A 890 4.82 -34.65 27.46
SE MSE A 890 6.70 -34.58 26.97
CE MSE A 890 7.08 -36.49 27.02
N CYS A 891 3.25 -35.67 31.62
CA CYS A 891 3.04 -36.39 32.88
C CYS A 891 1.59 -36.49 33.27
N GLY A 892 0.68 -35.92 32.47
CA GLY A 892 -0.72 -35.85 32.82
C GLY A 892 -1.54 -37.02 32.31
N ASN A 893 -2.85 -36.85 32.41
CA ASN A 893 -3.81 -37.90 32.10
C ASN A 893 -4.17 -37.97 30.62
N ARG A 894 -3.93 -36.91 29.84
CA ARG A 894 -4.43 -36.81 28.48
C ARG A 894 -3.30 -36.74 27.46
N PHE A 895 -2.22 -37.49 27.69
CA PHE A 895 -1.11 -37.58 26.74
C PHE A 895 -1.14 -38.98 26.13
N ASN A 896 -1.79 -39.10 24.98
CA ASN A 896 -1.96 -40.38 24.30
C ASN A 896 -1.83 -40.16 22.80
N PRO A 897 -0.61 -40.20 22.26
CA PRO A 897 -0.44 -40.02 20.81
C PRO A 897 -1.09 -41.16 20.04
N SER A 898 -1.95 -40.80 19.09
CA SER A 898 -2.66 -41.78 18.29
C SER A 898 -1.89 -42.19 17.03
N SER A 899 -1.02 -41.31 16.53
CA SER A 899 -0.28 -41.57 15.30
C SER A 899 0.92 -42.44 15.62
N GLU A 900 0.86 -43.71 15.23
CA GLU A 900 1.98 -44.62 15.43
C GLU A 900 2.97 -44.48 14.29
N VAL A 901 4.26 -44.50 14.62
CA VAL A 901 5.32 -44.34 13.64
C VAL A 901 6.52 -45.18 14.09
N ASP A 902 7.36 -45.57 13.13
CA ASP A 902 8.52 -46.38 13.43
C ASP A 902 9.70 -45.51 13.85
N ALA A 903 10.70 -46.15 14.45
CA ALA A 903 11.88 -45.42 14.89
C ALA A 903 12.67 -44.90 13.70
N LYS A 904 12.84 -45.72 12.66
CA LYS A 904 13.61 -45.29 11.51
C LYS A 904 12.92 -44.18 10.72
N ASP A 905 11.59 -44.08 10.82
CA ASP A 905 10.89 -42.98 10.15
C ASP A 905 11.28 -41.63 10.75
N LEU A 906 11.71 -41.61 12.01
CA LEU A 906 12.13 -40.38 12.67
C LEU A 906 13.60 -40.05 12.44
N SER A 907 14.34 -40.93 11.76
CA SER A 907 15.76 -40.71 11.54
C SER A 907 16.05 -39.54 10.60
N ILE A 908 15.03 -39.05 9.88
CA ILE A 908 15.22 -37.90 9.00
C ILE A 908 15.44 -36.61 9.77
N LEU A 909 15.28 -36.62 11.10
CA LEU A 909 15.50 -35.43 11.91
C LEU A 909 16.95 -35.25 12.33
N PHE A 910 17.84 -36.14 11.88
CA PHE A 910 19.23 -36.13 12.32
C PHE A 910 20.15 -36.34 11.12
N SER A 911 21.36 -35.80 11.22
CA SER A 911 22.35 -35.90 10.16
C SER A 911 23.73 -35.95 10.77
N ILE A 912 24.71 -36.33 9.96
CA ILE A 912 26.10 -36.40 10.40
C ILE A 912 27.01 -35.85 9.31
CL CL B . 13.07 -33.88 33.15
CL CL C . 2.69 -41.58 5.41
S SO4 D . 8.64 -22.34 35.54
O1 SO4 D . 10.03 -21.90 35.66
O2 SO4 D . 8.40 -22.85 34.19
O3 SO4 D . 7.74 -21.23 35.80
O4 SO4 D . 8.40 -23.41 36.51
S SO4 E . -5.04 -15.42 30.55
O1 SO4 E . -3.95 -15.25 29.61
O2 SO4 E . -4.63 -16.31 31.64
O3 SO4 E . -5.42 -14.12 31.11
O4 SO4 E . -6.19 -16.00 29.86
C ACT F . 16.92 1.88 24.46
O ACT F . 16.49 2.53 23.48
OXT ACT F . 17.51 0.75 24.48
CH3 ACT F . 16.73 2.53 25.86
C1 GOL G . 9.69 -4.16 -2.66
O1 GOL G . 10.36 -4.17 -1.43
C2 GOL G . 9.07 -2.72 -2.92
O2 GOL G . 10.05 -1.74 -3.11
C3 GOL G . 8.18 -2.88 -4.18
O3 GOL G . 9.03 -3.12 -5.28
C1 GOL H . 15.40 16.28 12.59
O1 GOL H . 14.75 15.84 13.76
C2 GOL H . 14.40 17.18 11.83
O2 GOL H . 14.11 18.35 12.52
C3 GOL H . 15.07 17.46 10.46
O3 GOL H . 14.49 18.61 9.93
C1 GOL I . 14.23 23.43 -18.14
O1 GOL I . 15.41 23.38 -17.39
C2 GOL I . 14.03 22.01 -18.79
O2 GOL I . 15.15 21.57 -19.46
C3 GOL I . 12.78 22.16 -19.72
O3 GOL I . 12.84 21.14 -20.67
C1 PEG J . -4.48 20.94 37.38
O1 PEG J . -3.64 21.70 38.24
C2 PEG J . -3.78 19.72 36.87
O2 PEG J . -2.65 20.08 36.09
C3 PEG J . -1.55 19.22 36.28
C4 PEG J . -0.43 19.61 35.35
O4 PEG J . 0.76 18.89 35.64
C1 PEG K . -9.77 3.97 -43.40
O1 PEG K . -11.06 3.50 -43.05
C2 PEG K . -8.69 3.28 -42.61
O2 PEG K . -7.43 3.86 -42.91
C3 PEG K . -6.43 3.55 -41.96
C4 PEG K . -5.12 4.13 -42.39
O4 PEG K . -5.05 5.52 -42.16
C1 PEG L . -10.03 -20.18 13.29
O1 PEG L . -11.05 -19.42 13.94
C2 PEG L . -9.08 -20.78 14.29
O2 PEG L . -9.77 -21.69 15.12
C3 PEG L . -9.10 -21.97 16.34
C4 PEG L . -8.40 -23.29 16.25
O4 PEG L . -9.21 -24.34 16.76
C1 PEG M . 23.25 14.93 4.76
O1 PEG M . 22.83 16.20 5.24
C2 PEG M . 23.88 14.11 5.84
O2 PEG M . 24.20 12.82 5.33
C3 PEG M . 24.26 11.82 6.35
C4 PEG M . 24.41 10.47 5.71
O4 PEG M . 24.13 9.43 6.64
C1 EDO N . -10.29 9.77 12.41
O1 EDO N . -11.17 8.69 12.11
C2 EDO N . -9.25 9.95 11.30
O2 EDO N . -8.55 11.18 11.51
C1 EDO O . -15.36 -10.31 6.68
O1 EDO O . -14.78 -10.92 5.52
C2 EDO O . -15.20 -8.80 6.59
O2 EDO O . -15.66 -8.21 7.81
C1 EDO P . 13.93 -20.17 -9.54
O1 EDO P . 13.86 -20.73 -8.22
C2 EDO P . 14.39 -18.72 -9.44
O2 EDO P . 14.41 -18.11 -10.73
C1 EDO Q . 6.30 5.83 -26.69
O1 EDO Q . 6.81 4.72 -25.94
C2 EDO Q . 4.79 5.97 -26.56
O2 EDO Q . 4.35 7.05 -27.40
C1 EDO R . -15.85 1.47 -41.63
O1 EDO R . -16.90 0.56 -41.29
C2 EDO R . -15.02 0.90 -42.78
O2 EDO R . -13.91 1.77 -43.07
C ACT S . 21.63 15.57 1.54
O ACT S . 20.35 15.51 1.40
OXT ACT S . 22.24 16.53 2.00
CH3 ACT S . 22.35 14.30 1.06
C1 PEG T . -18.76 -7.31 -14.04
O1 PEG T . -17.77 -6.32 -14.22
C2 PEG T . -19.99 -7.04 -14.87
O2 PEG T . -21.06 -7.84 -14.41
C3 PEG T . -22.23 -7.09 -14.13
C4 PEG T . -23.36 -7.58 -15.00
O4 PEG T . -24.47 -6.71 -14.96
C1 PEG U . 18.38 -17.21 18.53
O1 PEG U . 19.59 -17.98 18.55
C2 PEG U . 18.64 -15.78 18.83
O2 PEG U . 17.60 -14.98 18.29
C3 PEG U . 18.01 -14.25 17.13
C4 PEG U . 17.24 -14.74 15.94
O4 PEG U . 17.82 -14.28 14.74
C ACT V . 20.36 2.24 -4.59
O ACT V . 20.02 2.36 -3.38
OXT ACT V . 20.51 3.13 -5.47
CH3 ACT V . 20.65 0.78 -5.08
C1 EDO W . 18.18 -14.10 -2.28
O1 EDO W . 19.45 -14.31 -2.90
C2 EDO W . 18.34 -13.79 -0.80
O2 EDO W . 18.81 -14.95 -0.10
C1 EDO X . -17.62 27.09 2.15
O1 EDO X . -16.33 27.70 2.06
C2 EDO X . -17.61 25.89 3.11
O2 EDO X . -16.85 24.80 2.55
C1 EDO Y . -23.31 26.51 -30.81
O1 EDO Y . -22.44 27.65 -30.71
C2 EDO Y . -24.39 26.57 -29.73
O2 EDO Y . -23.89 26.04 -28.49
C1 EDO Z . 18.93 1.91 10.48
O1 EDO Z . 19.38 3.05 9.73
C2 EDO Z . 17.45 2.08 10.80
O2 EDO Z . 16.93 0.88 11.40
C1 EDO AA . -3.13 -27.11 14.30
O1 EDO AA . -3.44 -27.69 13.03
C2 EDO AA . -4.35 -27.04 15.22
O2 EDO AA . -5.38 -26.21 14.66
C1 PEG BA . 20.61 -0.58 -14.35
O1 PEG BA . 21.51 0.08 -13.48
C2 PEG BA . 19.47 0.30 -14.74
O2 PEG BA . 18.83 -0.24 -15.88
C3 PEG BA . 19.56 -0.06 -17.08
C4 PEG BA . 19.09 -1.04 -18.11
O4 PEG BA . 19.01 -0.44 -19.39
C1 EDO CA . -18.46 6.86 0.29
O1 EDO CA . -17.93 5.70 0.95
C2 EDO CA . -19.73 7.34 0.97
O2 EDO CA . -20.39 8.33 0.16
C1 EDO DA . -17.72 -1.85 -21.49
O1 EDO DA . -16.43 -1.76 -20.86
C2 EDO DA . -17.98 -3.25 -22.06
O2 EDO DA . -18.13 -4.23 -21.03
C1 EDO EA . -17.58 -14.69 -12.26
O1 EDO EA . -16.65 -14.97 -11.19
C2 EDO EA . -16.81 -14.46 -13.55
O2 EDO EA . -17.68 -13.92 -14.55
C1 EDO FA . 8.50 -16.44 45.44
O1 EDO FA . 8.82 -15.66 46.59
C2 EDO FA . 9.77 -17.09 44.89
O2 EDO FA . 9.50 -17.65 43.60
C1 EDO GA . -19.48 2.98 -10.75
O1 EDO GA . -19.73 3.70 -11.96
C2 EDO GA . -18.75 1.67 -11.05
O2 EDO GA . -17.45 1.94 -11.59
C1 EDO HA . 16.00 1.17 -22.59
O1 EDO HA . 15.94 2.56 -22.94
C2 EDO HA . 14.66 0.51 -22.93
O2 EDO HA . 14.72 -0.88 -22.61
C1 EDO IA . -14.66 14.50 5.83
O1 EDO IA . -15.78 15.31 5.49
C2 EDO IA . -13.43 15.33 6.17
O2 EDO IA . -13.66 16.17 7.31
C1 EDO JA . 17.84 -14.66 24.62
O1 EDO JA . 18.09 -15.66 23.61
C2 EDO JA . 19.09 -14.43 25.48
O2 EDO JA . 20.15 -13.88 24.69
C1 GOL KA . -19.94 14.82 -22.35
O1 GOL KA . -21.19 15.35 -21.99
C2 GOL KA . -19.10 14.58 -21.05
O2 GOL KA . -18.91 15.73 -20.30
C3 GOL KA . -19.82 13.44 -20.26
O3 GOL KA . -19.13 12.24 -20.50
O1 MES LA . 1.38 37.30 -6.19
C2 MES LA . 1.98 36.72 -5.02
C3 MES LA . 2.78 35.47 -5.34
N4 MES LA . 1.82 34.51 -5.87
C5 MES LA . 0.69 34.98 -6.67
C6 MES LA . 1.05 36.36 -7.23
C7 MES LA . 1.73 33.18 -5.27
C8 MES LA . 2.91 32.37 -5.79
S MES LA . 2.56 30.75 -5.67
O1S MES LA . 3.15 30.19 -4.44
O2S MES LA . 3.09 30.02 -6.85
O3S MES LA . 1.08 30.55 -5.61
C1 PEG MA . -3.61 -5.21 17.34
O1 PEG MA . -2.92 -6.00 16.39
C2 PEG MA . -3.57 -5.83 18.72
O2 PEG MA . -2.22 -5.90 19.17
C3 PEG MA . -2.12 -6.04 20.59
C4 PEG MA . -2.48 -4.75 21.26
O4 PEG MA . -3.79 -4.78 21.78
C1 TAG NA . 13.36 -2.57 -3.92
O1 TAG NA . 12.46 -1.71 -4.58
C2 TAG NA . 14.23 -3.40 -4.83
O2 TAG NA . 15.44 -3.27 -4.78
C3 TAG NA . 13.61 -4.41 -5.80
O3 TAG NA . 12.36 -3.96 -6.31
C4 TAG NA . 14.58 -4.73 -6.94
O4 TAG NA . 15.86 -5.06 -6.40
C5 TAG NA . 14.16 -5.82 -7.93
O5 TAG NA . 14.49 -7.13 -7.44
C6 TAG NA . 14.86 -5.69 -9.27
O6 TAG NA . 14.46 -6.71 -10.17
C1 PEG OA . 16.74 1.49 16.74
O1 PEG OA . 17.49 1.29 15.54
C2 PEG OA . 17.63 1.83 17.90
O2 PEG OA . 16.84 2.04 19.07
C3 PEG OA . 16.14 3.28 19.08
C4 PEG OA . 16.87 4.30 19.91
O4 PEG OA . 16.09 4.74 21.01
#